data_9VDL
#
_entry.id   9VDL
#
_cell.length_a   1.00
_cell.length_b   1.00
_cell.length_c   1.00
_cell.angle_alpha   90.00
_cell.angle_beta   90.00
_cell.angle_gamma   90.00
#
_symmetry.space_group_name_H-M   'P 1'
#
loop_
_entity.id
_entity.type
_entity.pdbx_description
1 polymer 'Probable phospholipid-transporting ATPase IIA'
2 non-polymer 'MAGNESIUM ION'
3 water water
#
_entity_poly.entity_id   1
_entity_poly.type   'polypeptide(L)'
_entity_poly.pdbx_seq_one_letter_code
;GGEARPRTVWLGHPEKRDQRYPRNVINNQKYNFFTFLPGVLFNQFKYFFNLYFLLLACSQFVPEMRLGALYTYWVPLGFV
LAVTVIREAVEEIRCYVRDKEVNSQVYSRLTARGTVKVKSSNIQVGDLIIVEKNQRVPADMIFLRTSEKNGSCFLRTDQL
DGETDWKLRLPVACTQRLPTAADLLQIRSYVYAEEPNIDIHNFVGTFTREDSDPPISESLSIENTLWAGTVVASGTVVGV
VLYTGRELRSVMNTSNPRSKIGLFDLEVNCLTKILFGALVVVSLVMVALQHFAGRWYLQIIRFLLLFSNIIPISLRVNLD
MGKIVYSWVIRRDSKIPGTVVRSSTIPEQLGRISYLLT(BFD)KTGTLTQNEMIFKRLHLGTVAYGLDSMDEVQSHIFSI
YTQQSQDPPAQKGPTLTTKVRRTMSSRVHEAVKAIALCHNVTPVYESNGVTDQAEAEKQYEDSCRVYQASSPDEVALVQW
TESVGLTLVGRDQSSMQLRTPGDQILNFTILQIFPFTYESKRMGIIVRDESTGEITFYMKGADVVMAGIVQYNDWLEEEC
GNMAREGLRVLVVAKKSLAEEQYQDFEARYVQAKLSVHDRSLKVATVIESLEMEMELLCLTGVEDQLQADVRPTLETLRN
AGIKVWMLTGDKLETATCTAKNAHLVTRNQDIHVFRLVTNRGEAHLELNAFRRKHDCALVISGDSLEVCLKYYEYEFMEL
ACQCPAVVCCRCAPTQKAQIVRLLQERTGKLTCAVGDGGNDVSMIQESDCGVGVEGKEGKQASLAADFSITQFKHLGRLL
MVHGRNSYKRSAALSQFVIHRSLCISTMQAVFSSVFYFASVPLYQGFLIIGYSTIYTMFPVFSLVLDKDVKSEVAMLYPE
LYKDLLKGRPLSYKTFLIWVLISIYQGSTIMYGALLLFESEFVHIVAISFTSLILTELLMVALTIQTWHWLMTVAELLSL
ACYIASLVFLHEFIDVYFIATLSFLWKVSVITLVSCLPLYVLKYLRRRFSPPSYSKLTS
;
_entity_poly.pdbx_strand_id   A
#
loop_
_chem_comp.id
_chem_comp.type
_chem_comp.name
_chem_comp.formula
MG non-polymer 'MAGNESIUM ION' 'Mg 2'
#
# COMPACT_ATOMS: atom_id res chain seq x y z
N GLY A 1 -14.10 -22.24 13.26
CA GLY A 1 -12.83 -22.24 12.55
C GLY A 1 -12.07 -23.54 12.71
N GLY A 2 -12.70 -24.64 12.34
CA GLY A 2 -12.10 -25.95 12.43
C GLY A 2 -11.34 -26.33 11.18
N GLU A 3 -11.18 -27.64 10.99
CA GLU A 3 -10.51 -28.14 9.80
C GLU A 3 -11.38 -27.90 8.57
N ALA A 4 -10.78 -27.35 7.52
CA ALA A 4 -11.50 -27.14 6.27
C ALA A 4 -11.79 -28.48 5.61
N ARG A 5 -12.98 -28.61 5.04
CA ARG A 5 -13.43 -29.87 4.46
C ARG A 5 -13.94 -29.64 3.04
N PRO A 6 -13.78 -30.63 2.17
CA PRO A 6 -14.36 -30.52 0.82
C PRO A 6 -15.87 -30.53 0.89
N ARG A 7 -16.48 -29.86 -0.07
CA ARG A 7 -17.92 -29.66 -0.08
C ARG A 7 -18.52 -30.16 -1.40
N THR A 8 -19.77 -30.58 -1.33
CA THR A 8 -20.59 -30.86 -2.49
C THR A 8 -21.60 -29.75 -2.63
N VAL A 9 -21.57 -29.06 -3.77
CA VAL A 9 -22.40 -27.88 -4.01
C VAL A 9 -23.36 -28.21 -5.13
N TRP A 10 -24.64 -28.27 -4.81
CA TRP A 10 -25.67 -28.52 -5.81
C TRP A 10 -26.04 -27.23 -6.51
N LEU A 11 -26.17 -27.30 -7.83
CA LEU A 11 -26.38 -26.11 -8.65
C LEU A 11 -27.79 -25.56 -8.43
N GLY A 12 -27.88 -24.31 -8.01
CA GLY A 12 -29.18 -23.70 -7.78
C GLY A 12 -29.88 -24.16 -6.52
N HIS A 13 -29.19 -24.86 -5.63
CA HIS A 13 -29.78 -25.37 -4.40
C HIS A 13 -28.89 -25.00 -3.22
N PRO A 14 -28.92 -23.74 -2.77
CA PRO A 14 -28.16 -23.38 -1.57
C PRO A 14 -28.61 -24.11 -0.32
N GLU A 15 -29.87 -24.54 -0.26
CA GLU A 15 -30.36 -25.23 0.92
C GLU A 15 -29.83 -26.66 1.01
N LYS A 16 -29.50 -27.27 -0.13
CA LYS A 16 -28.99 -28.64 -0.14
C LYS A 16 -27.54 -28.64 0.32
N ARG A 17 -27.38 -28.43 1.62
CA ARG A 17 -26.07 -28.33 2.25
C ARG A 17 -26.05 -29.13 3.54
N ASP A 18 -24.85 -29.44 4.01
CA ASP A 18 -24.66 -30.12 5.28
C ASP A 18 -23.75 -29.32 6.19
N GLN A 19 -23.85 -27.99 6.11
CA GLN A 19 -23.00 -27.07 6.86
C GLN A 19 -23.54 -25.66 6.67
N ARG A 20 -23.41 -24.84 7.70
CA ARG A 20 -23.69 -23.42 7.57
C ARG A 20 -22.47 -22.72 6.99
N TYR A 21 -22.67 -21.99 5.90
CA TYR A 21 -21.55 -21.32 5.26
C TYR A 21 -21.50 -19.84 5.65
N PRO A 22 -20.30 -19.26 5.68
CA PRO A 22 -20.19 -17.84 6.06
C PRO A 22 -20.92 -16.92 5.10
N ARG A 23 -21.43 -15.83 5.65
CA ARG A 23 -22.04 -14.78 4.85
C ARG A 23 -21.01 -14.17 3.90
N ASN A 24 -21.45 -13.86 2.68
CA ASN A 24 -20.55 -13.32 1.65
C ASN A 24 -20.36 -11.82 1.87
N VAL A 25 -19.65 -11.51 2.95
CA VAL A 25 -19.42 -10.13 3.36
C VAL A 25 -17.92 -9.92 3.53
N ILE A 26 -17.40 -8.86 2.94
CA ILE A 26 -16.01 -8.46 3.16
C ILE A 26 -15.97 -7.48 4.31
N ASN A 27 -15.15 -7.78 5.32
CA ASN A 27 -15.13 -7.02 6.55
C ASN A 27 -13.71 -6.53 6.84
N ASN A 28 -13.55 -5.23 7.04
CA ASN A 28 -12.28 -4.64 7.45
C ASN A 28 -12.34 -4.03 8.84
N GLN A 29 -13.38 -4.34 9.61
CA GLN A 29 -13.53 -3.77 10.94
C GLN A 29 -12.71 -4.54 11.96
N LYS A 30 -12.11 -3.80 12.90
CA LYS A 30 -11.37 -4.43 13.98
C LYS A 30 -12.28 -5.07 15.02
N TYR A 31 -13.45 -4.49 15.26
CA TYR A 31 -14.35 -4.96 16.31
C TYR A 31 -15.75 -5.15 15.73
N ASN A 32 -16.62 -5.73 16.56
CA ASN A 32 -18.05 -5.76 16.33
C ASN A 32 -18.73 -5.16 17.56
N PHE A 33 -20.06 -5.28 17.61
CA PHE A 33 -20.79 -4.67 18.71
C PHE A 33 -20.41 -5.26 20.06
N PHE A 34 -20.05 -6.55 20.10
CA PHE A 34 -19.78 -7.19 21.39
C PHE A 34 -18.36 -6.93 21.86
N THR A 35 -17.39 -6.93 20.93
CA THR A 35 -15.98 -6.80 21.30
C THR A 35 -15.47 -5.37 21.24
N PHE A 36 -16.33 -4.40 20.92
CA PHE A 36 -15.87 -3.03 20.74
C PHE A 36 -15.31 -2.45 22.03
N LEU A 37 -16.16 -2.31 23.05
CA LEU A 37 -15.70 -1.71 24.30
C LEU A 37 -14.59 -2.49 24.98
N PRO A 38 -14.70 -3.81 25.18
CA PRO A 38 -13.55 -4.53 25.74
C PRO A 38 -12.30 -4.42 24.89
N GLY A 39 -12.44 -4.46 23.56
CA GLY A 39 -11.27 -4.37 22.71
C GLY A 39 -10.58 -3.02 22.82
N VAL A 40 -11.36 -1.94 22.76
CA VAL A 40 -10.80 -0.60 22.86
C VAL A 40 -10.16 -0.40 24.22
N LEU A 41 -10.86 -0.81 25.29
CA LEU A 41 -10.32 -0.61 26.63
C LEU A 41 -9.04 -1.40 26.85
N PHE A 42 -9.00 -2.66 26.41
CA PHE A 42 -7.78 -3.44 26.58
C PHE A 42 -6.64 -2.89 25.74
N ASN A 43 -6.93 -2.50 24.49
CA ASN A 43 -5.88 -1.95 23.64
C ASN A 43 -5.34 -0.65 24.19
N GLN A 44 -6.15 0.09 24.94
CA GLN A 44 -5.65 1.28 25.60
C GLN A 44 -4.81 0.94 26.83
N PHE A 45 -5.35 0.13 27.73
CA PHE A 45 -4.79 -0.04 29.05
C PHE A 45 -3.83 -1.22 29.18
N LYS A 46 -3.50 -1.89 28.08
CA LYS A 46 -2.45 -2.90 28.14
C LYS A 46 -1.06 -2.29 28.13
N TYR A 47 -0.95 -1.00 27.88
CA TYR A 47 0.33 -0.29 27.91
C TYR A 47 0.49 0.41 29.25
N PHE A 48 1.76 0.58 29.65
CA PHE A 48 2.05 1.10 30.97
C PHE A 48 1.55 2.53 31.14
N PHE A 49 1.64 3.36 30.08
CA PHE A 49 1.43 4.78 30.25
C PHE A 49 -0.05 5.16 30.23
N ASN A 50 -0.93 4.20 29.96
CA ASN A 50 -2.36 4.43 30.18
C ASN A 50 -2.81 3.84 31.51
N LEU A 51 -2.37 2.62 31.80
CA LEU A 51 -2.64 2.00 33.09
C LEU A 51 -2.07 2.84 34.23
N TYR A 52 -1.03 3.63 33.94
CA TYR A 52 -0.45 4.52 34.94
C TYR A 52 -1.49 5.50 35.47
N PHE A 53 -2.12 6.27 34.59
CA PHE A 53 -3.09 7.23 35.08
C PHE A 53 -4.39 6.55 35.48
N LEU A 54 -4.69 5.38 34.92
CA LEU A 54 -5.83 4.62 35.43
C LEU A 54 -5.64 4.29 36.91
N LEU A 55 -4.46 3.78 37.28
CA LEU A 55 -4.21 3.42 38.66
C LEU A 55 -4.06 4.66 39.55
N LEU A 56 -3.51 5.74 39.00
CA LEU A 56 -3.45 6.99 39.77
C LEU A 56 -4.83 7.49 40.13
N ALA A 57 -5.77 7.45 39.19
CA ALA A 57 -7.13 7.86 39.49
C ALA A 57 -7.85 6.86 40.38
N CYS A 58 -7.56 5.56 40.22
CA CYS A 58 -8.22 4.55 41.03
C CYS A 58 -7.76 4.56 42.49
N SER A 59 -6.51 4.92 42.74
CA SER A 59 -6.01 4.98 44.10
C SER A 59 -6.62 6.11 44.92
N GLN A 60 -7.27 7.07 44.26
CA GLN A 60 -8.00 8.11 44.98
C GLN A 60 -9.28 7.59 45.63
N PHE A 61 -9.69 6.35 45.32
CA PHE A 61 -10.80 5.74 46.03
C PHE A 61 -10.46 5.37 47.45
N VAL A 62 -9.18 5.43 47.84
CA VAL A 62 -8.74 5.14 49.20
C VAL A 62 -8.47 6.47 49.90
N PRO A 63 -9.18 6.79 50.99
CA PRO A 63 -8.98 8.11 51.63
C PRO A 63 -7.56 8.34 52.13
N GLU A 64 -6.85 7.29 52.54
CA GLU A 64 -5.48 7.46 53.01
C GLU A 64 -4.57 7.98 51.90
N MET A 65 -4.75 7.49 50.68
CA MET A 65 -3.99 7.96 49.53
C MET A 65 -4.65 9.15 48.85
N ARG A 66 -5.81 9.57 49.31
CA ARG A 66 -6.50 10.72 48.71
C ARG A 66 -5.64 11.96 48.85
N LEU A 67 -5.50 12.71 47.74
CA LEU A 67 -4.83 14.00 47.77
C LEU A 67 -5.79 15.16 47.52
N GLY A 68 -7.09 14.89 47.43
CA GLY A 68 -8.03 15.96 47.15
C GLY A 68 -9.38 15.39 46.74
N ALA A 69 -10.11 16.18 45.96
CA ALA A 69 -11.41 15.76 45.50
C ALA A 69 -11.30 14.57 44.56
N LEU A 70 -12.35 13.75 44.53
CA LEU A 70 -12.36 12.58 43.66
C LEU A 70 -12.33 12.98 42.19
N TYR A 71 -13.09 14.02 41.82
CA TYR A 71 -13.19 14.38 40.42
C TYR A 71 -11.90 14.92 39.85
N THR A 72 -10.97 15.35 40.71
CA THR A 72 -9.70 15.92 40.25
C THR A 72 -8.92 14.95 39.37
N TYR A 73 -9.08 13.65 39.57
CA TYR A 73 -8.42 12.66 38.74
C TYR A 73 -9.36 11.89 37.83
N TRP A 74 -10.67 12.15 37.88
CA TRP A 74 -11.62 11.41 37.09
C TRP A 74 -12.28 12.23 35.99
N VAL A 75 -12.37 13.55 36.15
CA VAL A 75 -12.78 14.39 35.02
C VAL A 75 -11.78 14.31 33.88
N PRO A 76 -10.46 14.43 34.09
CA PRO A 76 -9.53 14.18 32.98
C PRO A 76 -9.58 12.74 32.47
N LEU A 77 -9.75 11.77 33.37
CA LEU A 77 -9.85 10.38 32.94
C LEU A 77 -11.14 10.15 32.16
N GLY A 78 -12.25 10.73 32.62
CA GLY A 78 -13.48 10.65 31.85
C GLY A 78 -13.35 11.28 30.48
N PHE A 79 -12.64 12.41 30.41
CA PHE A 79 -12.39 13.05 29.12
C PHE A 79 -11.56 12.16 28.20
N VAL A 80 -10.51 11.54 28.75
CA VAL A 80 -9.64 10.68 27.96
C VAL A 80 -10.43 9.47 27.44
N LEU A 81 -11.21 8.84 28.32
CA LEU A 81 -11.99 7.68 27.92
C LEU A 81 -13.04 8.04 26.87
N ALA A 82 -13.72 9.17 27.05
CA ALA A 82 -14.68 9.60 26.04
C ALA A 82 -14.00 9.84 24.70
N VAL A 83 -12.84 10.50 24.72
CA VAL A 83 -12.15 10.80 23.47
C VAL A 83 -11.74 9.52 22.75
N THR A 84 -11.14 8.57 23.47
CA THR A 84 -10.69 7.35 22.81
C THR A 84 -11.86 6.52 22.32
N VAL A 85 -12.94 6.42 23.11
CA VAL A 85 -14.09 5.63 22.68
C VAL A 85 -14.74 6.26 21.45
N ILE A 86 -14.92 7.59 21.45
CA ILE A 86 -15.55 8.25 20.32
C ILE A 86 -14.68 8.12 19.07
N ARG A 87 -13.36 8.26 19.22
CA ARG A 87 -12.48 8.13 18.07
C ARG A 87 -12.55 6.73 17.47
N GLU A 88 -12.45 5.71 18.32
CA GLU A 88 -12.52 4.33 17.83
C GLU A 88 -13.87 4.04 17.19
N ALA A 89 -14.96 4.54 17.79
CA ALA A 89 -16.29 4.32 17.23
C ALA A 89 -16.44 5.00 15.88
N VAL A 90 -15.92 6.22 15.74
CA VAL A 90 -16.00 6.92 14.46
C VAL A 90 -15.22 6.16 13.39
N GLU A 91 -14.03 5.67 13.73
CA GLU A 91 -13.26 4.88 12.78
C GLU A 91 -14.01 3.61 12.37
N GLU A 92 -14.63 2.94 13.35
CA GLU A 92 -15.39 1.72 13.04
C GLU A 92 -16.59 2.01 12.15
N ILE A 93 -17.30 3.10 12.42
CA ILE A 93 -18.47 3.44 11.62
C ILE A 93 -18.07 3.81 10.20
N ARG A 94 -16.96 4.54 10.04
CA ARG A 94 -16.47 4.85 8.71
C ARG A 94 -16.08 3.58 7.96
N CYS A 95 -15.40 2.65 8.64
CA CYS A 95 -15.05 1.38 8.00
C CYS A 95 -16.30 0.62 7.57
N TYR A 96 -17.32 0.59 8.43
CA TYR A 96 -18.55 -0.12 8.09
C TYR A 96 -19.23 0.50 6.87
N VAL A 97 -19.32 1.83 6.85
CA VAL A 97 -19.96 2.51 5.73
C VAL A 97 -19.19 2.25 4.44
N ARG A 98 -17.86 2.26 4.50
CA ARG A 98 -17.06 2.05 3.31
C ARG A 98 -17.10 0.61 2.81
N ASP A 99 -17.22 -0.36 3.72
CA ASP A 99 -17.41 -1.75 3.31
C ASP A 99 -18.79 -2.01 2.75
N LYS A 100 -19.80 -1.24 3.18
CA LYS A 100 -21.15 -1.42 2.67
C LYS A 100 -21.22 -1.19 1.16
N GLU A 101 -20.39 -0.29 0.63
CA GLU A 101 -20.42 -0.02 -0.80
C GLU A 101 -20.03 -1.24 -1.62
N VAL A 102 -18.96 -1.92 -1.22
CA VAL A 102 -18.56 -3.13 -1.91
C VAL A 102 -19.54 -4.27 -1.66
N ASN A 103 -20.05 -4.37 -0.43
CA ASN A 103 -20.92 -5.49 -0.10
C ASN A 103 -22.32 -5.35 -0.68
N SER A 104 -22.73 -4.16 -1.12
CA SER A 104 -24.08 -3.94 -1.60
C SER A 104 -24.19 -3.88 -3.12
N GLN A 105 -23.13 -4.24 -3.83
CA GLN A 105 -23.20 -4.30 -5.28
C GLN A 105 -24.22 -5.34 -5.71
N VAL A 106 -24.93 -5.05 -6.81
CA VAL A 106 -26.09 -5.83 -7.22
C VAL A 106 -25.70 -6.75 -8.36
N TYR A 107 -26.11 -8.00 -8.27
CA TYR A 107 -25.91 -9.00 -9.31
C TYR A 107 -27.24 -9.66 -9.62
N SER A 108 -27.26 -10.44 -10.69
CA SER A 108 -28.44 -11.18 -11.10
C SER A 108 -28.27 -12.65 -10.74
N ARG A 109 -29.34 -13.28 -10.27
CA ARG A 109 -29.32 -14.66 -9.83
C ARG A 109 -30.35 -15.47 -10.62
N LEU A 110 -29.93 -16.63 -11.11
CA LEU A 110 -30.83 -17.51 -11.83
C LEU A 110 -31.76 -18.21 -10.85
N THR A 111 -33.05 -17.96 -10.97
CA THR A 111 -34.07 -18.63 -10.18
C THR A 111 -35.02 -19.37 -11.11
N ALA A 112 -35.86 -20.22 -10.51
CA ALA A 112 -36.77 -21.03 -11.30
C ALA A 112 -37.77 -20.17 -12.06
N ARG A 113 -38.25 -19.10 -11.43
CA ARG A 113 -39.23 -18.20 -12.05
C ARG A 113 -38.58 -16.95 -12.63
N GLY A 114 -37.34 -17.05 -13.08
CA GLY A 114 -36.67 -15.96 -13.77
C GLY A 114 -35.55 -15.35 -12.94
N THR A 115 -34.74 -14.55 -13.63
CA THR A 115 -33.61 -13.89 -13.01
C THR A 115 -34.06 -12.88 -11.95
N VAL A 116 -33.37 -12.87 -10.82
CA VAL A 116 -33.69 -12.02 -9.69
C VAL A 116 -32.44 -11.28 -9.23
N LYS A 117 -32.55 -9.97 -9.04
CA LYS A 117 -31.43 -9.17 -8.55
C LYS A 117 -31.08 -9.57 -7.12
N VAL A 118 -29.77 -9.64 -6.84
CA VAL A 118 -29.28 -10.00 -5.51
C VAL A 118 -28.10 -9.11 -5.17
N LYS A 119 -28.04 -8.65 -3.92
CA LYS A 119 -26.87 -7.92 -3.45
C LYS A 119 -25.72 -8.87 -3.18
N SER A 120 -24.50 -8.33 -3.28
CA SER A 120 -23.31 -9.16 -3.16
C SER A 120 -23.20 -9.82 -1.80
N SER A 121 -23.75 -9.20 -0.75
CA SER A 121 -23.67 -9.75 0.59
C SER A 121 -24.65 -10.88 0.83
N ASN A 122 -25.66 -11.05 -0.02
CA ASN A 122 -26.66 -12.09 0.14
C ASN A 122 -26.43 -13.29 -0.76
N ILE A 123 -25.26 -13.38 -1.40
CA ILE A 123 -24.97 -14.49 -2.29
C ILE A 123 -24.57 -15.70 -1.47
N GLN A 124 -25.21 -16.84 -1.74
CA GLN A 124 -24.98 -18.07 -0.99
C GLN A 124 -24.28 -19.11 -1.86
N VAL A 125 -23.71 -20.10 -1.19
CA VAL A 125 -23.07 -21.22 -1.87
C VAL A 125 -24.14 -22.04 -2.59
N GLY A 126 -23.97 -22.24 -3.89
CA GLY A 126 -24.96 -22.89 -4.71
C GLY A 126 -25.78 -21.97 -5.57
N ASP A 127 -25.69 -20.66 -5.37
CA ASP A 127 -26.39 -19.71 -6.22
C ASP A 127 -25.83 -19.73 -7.64
N LEU A 128 -26.72 -19.50 -8.60
CA LEU A 128 -26.30 -19.31 -10.00
C LEU A 128 -26.30 -17.82 -10.27
N ILE A 129 -25.12 -17.24 -10.34
CA ILE A 129 -24.93 -15.79 -10.40
C ILE A 129 -24.49 -15.40 -11.80
N ILE A 130 -25.08 -14.33 -12.31
CA ILE A 130 -24.71 -13.75 -13.60
C ILE A 130 -23.82 -12.54 -13.36
N VAL A 131 -22.64 -12.55 -13.96
CA VAL A 131 -21.70 -11.44 -13.89
C VAL A 131 -21.58 -10.82 -15.28
N GLU A 132 -21.73 -9.51 -15.36
CA GLU A 132 -21.69 -8.80 -16.62
C GLU A 132 -20.26 -8.38 -16.97
N LYS A 133 -20.11 -7.84 -18.18
CA LYS A 133 -18.82 -7.36 -18.65
C LYS A 133 -18.31 -6.23 -17.78
N ASN A 134 -17.00 -6.25 -17.53
CA ASN A 134 -16.30 -5.24 -16.74
C ASN A 134 -16.82 -5.15 -15.31
N GLN A 135 -17.47 -6.20 -14.83
CA GLN A 135 -18.03 -6.23 -13.48
C GLN A 135 -17.22 -7.18 -12.61
N ARG A 136 -16.95 -6.76 -11.39
CA ARG A 136 -16.18 -7.57 -10.45
C ARG A 136 -16.95 -8.82 -10.05
N VAL A 137 -16.25 -9.95 -10.02
CA VAL A 137 -16.82 -11.22 -9.58
C VAL A 137 -16.98 -11.19 -8.07
N PRO A 138 -18.18 -11.39 -7.55
CA PRO A 138 -18.43 -11.14 -6.12
C PRO A 138 -18.12 -12.31 -5.20
N ALA A 139 -18.09 -13.53 -5.75
CA ALA A 139 -17.80 -14.72 -4.96
C ALA A 139 -17.08 -15.72 -5.85
N ASP A 140 -16.46 -16.71 -5.21
CA ASP A 140 -15.73 -17.74 -5.94
C ASP A 140 -16.71 -18.67 -6.64
N MET A 141 -16.57 -18.83 -7.95
CA MET A 141 -17.53 -19.59 -8.74
C MET A 141 -16.82 -20.56 -9.67
N ILE A 142 -17.62 -21.46 -10.23
CA ILE A 142 -17.23 -22.32 -11.33
C ILE A 142 -17.89 -21.78 -12.59
N PHE A 143 -17.08 -21.49 -13.60
CA PHE A 143 -17.58 -21.03 -14.89
C PHE A 143 -18.50 -22.09 -15.50
N LEU A 144 -19.75 -21.72 -15.75
CA LEU A 144 -20.76 -22.63 -16.27
C LEU A 144 -21.19 -22.33 -17.69
N ARG A 145 -21.41 -21.05 -18.02
CA ARG A 145 -21.99 -20.71 -19.31
C ARG A 145 -21.63 -19.27 -19.65
N THR A 146 -21.34 -19.03 -20.92
CA THR A 146 -21.07 -17.69 -21.42
C THR A 146 -21.91 -17.43 -22.67
N SER A 147 -22.30 -16.18 -22.85
CA SER A 147 -23.08 -15.80 -24.03
C SER A 147 -22.22 -15.63 -25.28
N GLU A 148 -20.90 -15.50 -25.12
CA GLU A 148 -20.02 -15.37 -26.27
C GLU A 148 -19.96 -16.68 -27.04
N LYS A 149 -19.86 -16.56 -28.37
CA LYS A 149 -19.93 -17.74 -29.23
C LYS A 149 -18.69 -18.61 -29.13
N ASN A 150 -17.54 -18.03 -28.78
CA ASN A 150 -16.32 -18.82 -28.66
C ASN A 150 -16.36 -19.77 -27.48
N GLY A 151 -17.34 -19.65 -26.60
CA GLY A 151 -17.47 -20.55 -25.47
C GLY A 151 -16.34 -20.39 -24.48
N SER A 152 -15.92 -19.16 -24.22
CA SER A 152 -14.84 -18.88 -23.28
C SER A 152 -14.95 -17.43 -22.86
N CYS A 153 -14.15 -17.07 -21.85
CA CYS A 153 -14.14 -15.70 -21.36
C CYS A 153 -12.72 -15.32 -20.94
N PHE A 154 -12.48 -14.03 -20.85
CA PHE A 154 -11.23 -13.48 -20.36
C PHE A 154 -11.46 -12.86 -18.98
N LEU A 155 -10.55 -13.13 -18.06
CA LEU A 155 -10.58 -12.55 -16.74
C LEU A 155 -9.39 -11.62 -16.55
N ARG A 156 -9.64 -10.47 -15.93
CA ARG A 156 -8.58 -9.63 -15.42
C ARG A 156 -8.40 -9.95 -13.95
N THR A 157 -7.18 -10.34 -13.56
CA THR A 157 -6.92 -10.85 -12.23
C THR A 157 -5.91 -10.00 -11.47
N ASP A 158 -5.64 -8.77 -11.93
CA ASP A 158 -4.61 -7.96 -11.30
C ASP A 158 -4.97 -7.59 -9.87
N GLN A 159 -6.27 -7.49 -9.55
CA GLN A 159 -6.68 -7.25 -8.18
C GLN A 159 -6.54 -8.49 -7.31
N LEU A 160 -6.39 -9.67 -7.91
CA LEU A 160 -6.24 -10.92 -7.18
C LEU A 160 -4.78 -11.33 -7.04
N ASP A 161 -3.99 -11.18 -8.10
CA ASP A 161 -2.61 -11.64 -8.07
C ASP A 161 -1.63 -10.66 -8.71
N GLY A 162 -2.09 -9.47 -9.12
CA GLY A 162 -1.17 -8.48 -9.65
C GLY A 162 -0.59 -8.80 -11.00
N GLU A 163 -1.21 -9.72 -11.75
CA GLU A 163 -0.71 -10.12 -13.05
C GLU A 163 -1.43 -9.36 -14.16
N THR A 164 -0.66 -8.82 -15.10
CA THR A 164 -1.22 -8.02 -16.19
C THR A 164 -1.82 -8.87 -17.30
N ASP A 165 -1.42 -10.13 -17.44
CA ASP A 165 -1.98 -10.98 -18.48
C ASP A 165 -3.44 -11.31 -18.16
N TRP A 166 -4.25 -11.31 -19.20
CA TRP A 166 -5.63 -11.76 -19.08
C TRP A 166 -5.67 -13.28 -19.09
N LYS A 167 -6.53 -13.84 -18.26
CA LYS A 167 -6.64 -15.28 -18.12
C LYS A 167 -7.80 -15.80 -18.96
N LEU A 168 -7.53 -16.78 -19.81
CA LEU A 168 -8.57 -17.45 -20.56
C LEU A 168 -9.26 -18.47 -19.68
N ARG A 169 -10.59 -18.41 -19.63
CA ARG A 169 -11.38 -19.29 -18.79
C ARG A 169 -12.36 -20.06 -19.68
N LEU A 170 -12.55 -21.33 -19.35
CA LEU A 170 -13.45 -22.19 -20.10
C LEU A 170 -14.57 -22.68 -19.21
N PRO A 171 -15.82 -22.62 -19.65
CA PRO A 171 -16.92 -23.12 -18.84
C PRO A 171 -16.97 -24.65 -18.86
N VAL A 172 -17.78 -25.19 -17.95
CA VAL A 172 -18.04 -26.63 -17.95
C VAL A 172 -18.70 -26.99 -19.28
N ALA A 173 -18.17 -28.04 -19.93
CA ALA A 173 -18.61 -28.37 -21.28
C ALA A 173 -20.09 -28.73 -21.32
N CYS A 174 -20.56 -29.47 -20.31
CA CYS A 174 -21.96 -29.89 -20.30
C CYS A 174 -22.90 -28.69 -20.21
N THR A 175 -22.59 -27.74 -19.34
CA THR A 175 -23.50 -26.63 -19.10
C THR A 175 -23.48 -25.58 -20.21
N GLN A 176 -22.37 -25.49 -20.95
CA GLN A 176 -22.30 -24.52 -22.03
C GLN A 176 -23.17 -24.94 -23.21
N ARG A 177 -23.37 -26.24 -23.42
CA ARG A 177 -24.15 -26.74 -24.54
C ARG A 177 -25.64 -26.80 -24.26
N LEU A 178 -26.09 -26.40 -23.08
CA LEU A 178 -27.50 -26.40 -22.77
C LEU A 178 -28.24 -25.38 -23.64
N PRO A 179 -29.46 -25.67 -24.06
CA PRO A 179 -30.18 -24.73 -24.94
C PRO A 179 -30.35 -23.34 -24.34
N THR A 180 -30.61 -23.24 -23.04
CA THR A 180 -30.86 -21.95 -22.40
C THR A 180 -30.21 -21.95 -21.03
N ALA A 181 -30.02 -20.74 -20.49
CA ALA A 181 -29.48 -20.60 -19.14
C ALA A 181 -30.45 -21.16 -18.11
N ALA A 182 -31.75 -21.14 -18.40
CA ALA A 182 -32.74 -21.70 -17.49
C ALA A 182 -32.64 -23.21 -17.36
N ASP A 183 -31.90 -23.88 -18.25
CA ASP A 183 -31.76 -25.33 -18.17
C ASP A 183 -30.83 -25.75 -17.05
N LEU A 184 -30.05 -24.82 -16.49
CA LEU A 184 -29.15 -25.17 -15.39
C LEU A 184 -29.93 -25.62 -14.16
N LEU A 185 -31.06 -24.96 -13.89
CA LEU A 185 -31.91 -25.37 -12.78
C LEU A 185 -32.70 -26.63 -13.08
N GLN A 186 -32.88 -26.98 -14.35
CA GLN A 186 -33.67 -28.14 -14.75
C GLN A 186 -32.87 -29.43 -14.76
N ILE A 187 -31.57 -29.36 -14.52
CA ILE A 187 -30.72 -30.55 -14.49
C ILE A 187 -30.32 -30.82 -13.06
N ARG A 188 -30.04 -32.09 -12.76
CA ARG A 188 -29.56 -32.51 -11.46
C ARG A 188 -28.04 -32.61 -11.55
N SER A 189 -27.34 -31.65 -10.95
CA SER A 189 -25.89 -31.60 -11.06
C SER A 189 -25.32 -30.97 -9.79
N TYR A 190 -24.07 -31.30 -9.51
CA TYR A 190 -23.37 -30.75 -8.36
C TYR A 190 -21.89 -30.66 -8.68
N VAL A 191 -21.19 -29.84 -7.90
CA VAL A 191 -19.75 -29.68 -7.99
C VAL A 191 -19.15 -30.20 -6.70
N TYR A 192 -18.18 -31.09 -6.80
CA TYR A 192 -17.40 -31.54 -5.66
C TYR A 192 -16.12 -30.71 -5.63
N ALA A 193 -16.08 -29.73 -4.73
CA ALA A 193 -14.96 -28.81 -4.65
C ALA A 193 -14.06 -29.17 -3.48
N GLU A 194 -12.79 -28.80 -3.60
CA GLU A 194 -11.85 -28.99 -2.52
C GLU A 194 -12.17 -28.05 -1.36
N GLU A 195 -11.44 -28.24 -0.25
CA GLU A 195 -11.60 -27.35 0.88
C GLU A 195 -11.03 -25.97 0.57
N PRO A 196 -11.56 -24.92 1.19
CA PRO A 196 -11.01 -23.58 0.98
C PRO A 196 -9.55 -23.52 1.43
N ASN A 197 -8.74 -22.78 0.66
CA ASN A 197 -7.34 -22.62 0.96
C ASN A 197 -6.86 -21.33 0.31
N ILE A 198 -5.56 -21.08 0.39
CA ILE A 198 -4.95 -19.84 -0.08
C ILE A 198 -4.37 -19.98 -1.48
N ASP A 199 -4.59 -21.10 -2.15
CA ASP A 199 -4.03 -21.32 -3.48
C ASP A 199 -4.91 -20.60 -4.51
N ILE A 200 -4.41 -19.46 -5.01
CA ILE A 200 -5.14 -18.68 -5.99
C ILE A 200 -5.05 -19.31 -7.37
N HIS A 201 -3.96 -20.01 -7.68
CA HIS A 201 -3.69 -20.46 -9.04
C HIS A 201 -3.93 -21.95 -9.25
N ASN A 202 -4.40 -22.68 -8.24
CA ASN A 202 -4.69 -24.09 -8.41
C ASN A 202 -6.05 -24.41 -7.79
N PHE A 203 -6.82 -25.23 -8.51
CA PHE A 203 -8.12 -25.69 -8.03
C PHE A 203 -8.32 -27.14 -8.47
N VAL A 204 -8.86 -27.95 -7.58
CA VAL A 204 -9.22 -29.33 -7.89
C VAL A 204 -10.69 -29.51 -7.58
N GLY A 205 -11.43 -30.06 -8.54
CA GLY A 205 -12.84 -30.31 -8.34
C GLY A 205 -13.40 -31.17 -9.44
N THR A 206 -14.64 -31.59 -9.25
CA THR A 206 -15.35 -32.41 -10.22
C THR A 206 -16.75 -31.85 -10.41
N PHE A 207 -17.21 -31.87 -11.66
CA PHE A 207 -18.60 -31.55 -11.98
C PHE A 207 -19.30 -32.84 -12.38
N THR A 208 -20.46 -33.09 -11.77
CA THR A 208 -21.22 -34.29 -12.04
C THR A 208 -22.64 -33.90 -12.45
N ARG A 209 -23.16 -34.56 -13.48
CA ARG A 209 -24.56 -34.47 -13.86
C ARG A 209 -25.22 -35.81 -13.62
N GLU A 210 -26.31 -35.80 -12.86
CA GLU A 210 -26.95 -37.04 -12.43
C GLU A 210 -28.15 -37.44 -13.27
N ASP A 211 -28.85 -36.48 -13.86
CA ASP A 211 -30.07 -36.75 -14.61
C ASP A 211 -29.80 -37.19 -16.05
N SER A 212 -28.55 -37.20 -16.48
CA SER A 212 -28.21 -37.61 -17.84
C SER A 212 -28.31 -39.12 -17.96
N ASP A 213 -28.64 -39.58 -19.18
CA ASP A 213 -28.74 -41.02 -19.40
C ASP A 213 -27.41 -41.73 -19.16
N PRO A 214 -26.27 -41.25 -19.67
CA PRO A 214 -25.00 -41.67 -19.11
C PRO A 214 -24.55 -40.68 -18.05
N PRO A 215 -24.05 -41.16 -16.90
CA PRO A 215 -23.65 -40.24 -15.83
C PRO A 215 -22.48 -39.36 -16.23
N ILE A 216 -22.72 -38.05 -16.34
CA ILE A 216 -21.72 -37.12 -16.84
C ILE A 216 -20.84 -36.66 -15.68
N SER A 217 -19.53 -36.87 -15.81
CA SER A 217 -18.55 -36.40 -14.83
C SER A 217 -17.45 -35.65 -15.56
N GLU A 218 -17.01 -34.54 -14.99
CA GLU A 218 -16.00 -33.69 -15.62
C GLU A 218 -15.04 -33.16 -14.57
N SER A 219 -13.75 -33.25 -14.86
CA SER A 219 -12.74 -32.72 -13.95
C SER A 219 -12.64 -31.21 -14.08
N LEU A 220 -12.41 -30.55 -12.96
CA LEU A 220 -12.33 -29.09 -12.90
C LEU A 220 -10.93 -28.68 -12.48
N SER A 221 -10.47 -27.56 -13.03
CA SER A 221 -9.18 -26.99 -12.70
C SER A 221 -9.35 -25.49 -12.52
N ILE A 222 -8.23 -24.78 -12.40
CA ILE A 222 -8.29 -23.33 -12.29
C ILE A 222 -8.85 -22.69 -13.56
N GLU A 223 -8.77 -23.39 -14.69
CA GLU A 223 -9.28 -22.90 -15.96
C GLU A 223 -10.80 -22.74 -15.97
N ASN A 224 -11.50 -23.32 -15.00
CA ASN A 224 -12.95 -23.26 -14.94
C ASN A 224 -13.46 -22.42 -13.78
N THR A 225 -12.59 -21.64 -13.15
CA THR A 225 -12.95 -20.90 -11.95
C THR A 225 -13.02 -19.40 -12.26
N LEU A 226 -13.89 -18.71 -11.50
CA LEU A 226 -13.96 -17.25 -11.51
C LEU A 226 -13.89 -16.84 -10.05
N TRP A 227 -12.69 -16.51 -9.58
CA TRP A 227 -12.52 -16.14 -8.19
C TRP A 227 -13.03 -14.72 -7.94
N ALA A 228 -13.48 -14.50 -6.71
CA ALA A 228 -13.94 -13.17 -6.32
C ALA A 228 -12.79 -12.17 -6.40
N GLY A 229 -13.10 -10.97 -6.90
CA GLY A 229 -12.11 -9.95 -7.11
C GLY A 229 -11.57 -9.87 -8.52
N THR A 230 -11.77 -10.91 -9.32
CA THR A 230 -11.47 -10.84 -10.74
C THR A 230 -12.58 -10.07 -11.45
N VAL A 231 -12.29 -9.63 -12.67
CA VAL A 231 -13.21 -8.84 -13.47
C VAL A 231 -13.42 -9.56 -14.81
N VAL A 232 -14.67 -9.65 -15.22
CA VAL A 232 -15.02 -10.29 -16.48
C VAL A 232 -14.74 -9.30 -17.61
N ALA A 233 -13.87 -9.70 -18.55
CA ALA A 233 -13.48 -8.78 -19.61
C ALA A 233 -14.59 -8.59 -20.64
N SER A 234 -15.25 -9.66 -21.05
CA SER A 234 -16.28 -9.57 -22.06
C SER A 234 -17.37 -10.61 -21.82
N GLY A 235 -18.56 -10.31 -22.31
CA GLY A 235 -19.68 -11.23 -22.21
C GLY A 235 -20.23 -11.35 -20.81
N THR A 236 -21.45 -11.86 -20.69
CA THR A 236 -22.06 -12.12 -19.39
C THR A 236 -21.92 -13.61 -19.10
N VAL A 237 -21.27 -13.92 -18.00
CA VAL A 237 -21.00 -15.30 -17.63
C VAL A 237 -21.96 -15.72 -16.53
N VAL A 238 -22.23 -17.02 -16.46
CA VAL A 238 -23.03 -17.63 -15.40
C VAL A 238 -22.13 -18.59 -14.64
N GLY A 239 -22.14 -18.48 -13.31
CA GLY A 239 -21.35 -19.34 -12.47
C GLY A 239 -22.18 -19.89 -11.32
N VAL A 240 -21.61 -20.87 -10.63
CA VAL A 240 -22.18 -21.42 -9.42
C VAL A 240 -21.20 -21.15 -8.28
N VAL A 241 -21.72 -20.63 -7.18
CA VAL A 241 -20.89 -20.19 -6.06
C VAL A 241 -20.41 -21.39 -5.28
N LEU A 242 -19.11 -21.44 -5.00
CA LEU A 242 -18.49 -22.46 -4.16
C LEU A 242 -18.08 -21.94 -2.79
N TYR A 243 -17.47 -20.75 -2.73
CA TYR A 243 -16.99 -20.18 -1.49
C TYR A 243 -17.51 -18.76 -1.35
N THR A 244 -17.73 -18.35 -0.11
CA THR A 244 -18.25 -17.02 0.20
C THR A 244 -17.52 -16.46 1.41
N GLY A 245 -17.56 -15.14 1.53
CA GLY A 245 -17.11 -14.48 2.75
C GLY A 245 -15.67 -14.75 3.09
N ARG A 246 -15.44 -15.19 4.34
CA ARG A 246 -14.10 -15.40 4.85
C ARG A 246 -13.40 -16.60 4.22
N GLU A 247 -14.12 -17.43 3.48
CA GLU A 247 -13.53 -18.57 2.79
C GLU A 247 -13.18 -18.27 1.34
N LEU A 248 -13.32 -17.03 0.91
CA LEU A 248 -12.91 -16.64 -0.43
C LEU A 248 -11.39 -16.73 -0.56
N ARG A 249 -10.93 -17.01 -1.78
CA ARG A 249 -9.49 -17.13 -2.02
C ARG A 249 -8.78 -15.82 -1.72
N SER A 250 -9.37 -14.70 -2.15
CA SER A 250 -8.77 -13.40 -1.85
C SER A 250 -8.82 -13.09 -0.36
N VAL A 251 -9.92 -13.41 0.31
CA VAL A 251 -10.05 -13.11 1.73
C VAL A 251 -9.13 -14.00 2.54
N MET A 252 -9.02 -15.28 2.19
CA MET A 252 -8.13 -16.19 2.90
C MET A 252 -6.67 -15.79 2.75
N ASN A 253 -6.34 -14.93 1.78
CA ASN A 253 -5.00 -14.38 1.63
C ASN A 253 -4.82 -13.08 2.38
N THR A 254 -5.71 -12.76 3.31
CA THR A 254 -5.61 -11.57 4.14
C THR A 254 -5.68 -11.98 5.61
N SER A 255 -5.17 -11.11 6.47
CA SER A 255 -5.20 -11.30 7.91
C SER A 255 -6.31 -10.47 8.53
N ASN A 256 -6.53 -10.69 9.81
CA ASN A 256 -7.53 -9.90 10.53
C ASN A 256 -7.02 -8.48 10.76
N PRO A 257 -7.89 -7.48 10.67
CA PRO A 257 -7.48 -6.12 11.02
C PRO A 257 -7.06 -6.04 12.48
N ARG A 258 -6.02 -5.26 12.74
CA ARG A 258 -5.43 -5.15 14.07
C ARG A 258 -5.22 -3.69 14.42
N SER A 259 -5.18 -3.41 15.71
CA SER A 259 -4.83 -2.08 16.19
C SER A 259 -3.32 -1.89 16.11
N LYS A 260 -2.90 -0.81 15.46
CA LYS A 260 -1.49 -0.51 15.31
C LYS A 260 -1.09 0.61 16.27
N ILE A 261 0.04 0.44 16.94
CA ILE A 261 0.62 1.49 17.75
C ILE A 261 1.92 1.93 17.11
N GLY A 262 2.13 3.24 17.06
CA GLY A 262 3.34 3.76 16.46
C GLY A 262 4.56 3.59 17.34
N LEU A 263 5.72 3.68 16.71
CA LEU A 263 6.99 3.59 17.42
C LEU A 263 7.19 4.77 18.37
N PHE A 264 6.69 5.95 17.98
CA PHE A 264 6.78 7.12 18.85
C PHE A 264 6.01 6.91 20.16
N ASP A 265 4.82 6.32 20.06
CA ASP A 265 4.03 6.05 21.26
C ASP A 265 4.72 5.04 22.16
N LEU A 266 5.38 4.04 21.57
CA LEU A 266 6.16 3.09 22.37
C LEU A 266 7.34 3.77 23.06
N GLU A 267 7.99 4.71 22.36
CA GLU A 267 9.08 5.45 22.99
C GLU A 267 8.59 6.30 24.15
N VAL A 268 7.43 6.94 23.99
CA VAL A 268 6.85 7.71 25.08
C VAL A 268 6.46 6.80 26.24
N ASN A 269 5.98 5.59 25.92
CA ASN A 269 5.68 4.60 26.95
C ASN A 269 6.92 4.22 27.74
N CYS A 270 8.04 4.01 27.05
CA CYS A 270 9.31 3.75 27.73
C CYS A 270 9.73 4.93 28.59
N LEU A 271 9.56 6.15 28.08
CA LEU A 271 9.89 7.33 28.85
C LEU A 271 9.06 7.41 30.13
N THR A 272 7.77 7.07 30.04
CA THR A 272 6.93 7.07 31.23
C THR A 272 7.37 6.00 32.22
N LYS A 273 7.79 4.84 31.72
CA LYS A 273 8.33 3.81 32.62
C LYS A 273 9.57 4.31 33.36
N ILE A 274 10.47 4.97 32.64
CA ILE A 274 11.68 5.52 33.25
C ILE A 274 11.32 6.58 34.29
N LEU A 275 10.37 7.45 33.95
CA LEU A 275 9.94 8.49 34.89
C LEU A 275 9.31 7.88 36.13
N PHE A 276 8.50 6.83 35.97
CA PHE A 276 7.89 6.19 37.13
C PHE A 276 8.94 5.57 38.03
N GLY A 277 9.93 4.88 37.44
CA GLY A 277 11.01 4.34 38.26
C GLY A 277 11.77 5.43 39.00
N ALA A 278 12.07 6.53 38.31
CA ALA A 278 12.78 7.63 38.95
C ALA A 278 11.98 8.22 40.09
N LEU A 279 10.68 8.42 39.90
CA LEU A 279 9.85 8.98 40.97
C LEU A 279 9.68 7.99 42.12
N VAL A 280 9.69 6.69 41.84
CA VAL A 280 9.68 5.70 42.92
C VAL A 280 10.94 5.86 43.77
N VAL A 281 12.09 6.00 43.11
CA VAL A 281 13.34 6.20 43.84
C VAL A 281 13.29 7.49 44.65
N VAL A 282 12.77 8.56 44.04
CA VAL A 282 12.69 9.85 44.73
C VAL A 282 11.78 9.76 45.95
N SER A 283 10.65 9.06 45.84
CA SER A 283 9.76 8.89 46.97
C SER A 283 10.42 8.08 48.07
N LEU A 284 11.17 7.04 47.71
CA LEU A 284 11.91 6.28 48.70
C LEU A 284 12.92 7.15 49.43
N VAL A 285 13.61 8.02 48.70
CA VAL A 285 14.53 8.97 49.33
C VAL A 285 13.80 9.98 50.21
N MET A 286 12.63 10.45 49.79
CA MET A 286 11.93 11.52 50.48
C MET A 286 11.24 11.05 51.75
N VAL A 287 10.75 9.81 51.79
CA VAL A 287 10.25 9.26 53.05
C VAL A 287 11.37 8.80 53.96
N ALA A 288 12.59 8.64 53.42
CA ALA A 288 13.73 8.34 54.27
C ALA A 288 14.16 9.56 55.07
N LEU A 289 14.03 10.74 54.49
CA LEU A 289 14.30 11.97 55.24
C LEU A 289 13.25 12.20 56.32
N GLN A 290 12.08 11.59 56.19
CA GLN A 290 11.11 11.52 57.28
C GLN A 290 11.53 10.54 58.37
N HIS A 291 12.61 9.80 58.14
CA HIS A 291 13.06 8.73 59.04
C HIS A 291 12.00 7.64 59.18
N PHE A 292 11.22 7.43 58.11
CA PHE A 292 10.19 6.41 58.07
C PHE A 292 9.23 6.53 59.25
N ALA A 293 8.84 7.76 59.57
CA ALA A 293 7.94 8.01 60.68
C ALA A 293 6.51 7.64 60.29
N GLY A 294 5.84 6.88 61.15
CA GLY A 294 4.48 6.47 60.88
C GLY A 294 4.41 5.38 59.82
N ARG A 295 3.29 5.37 59.08
CA ARG A 295 3.07 4.39 58.02
C ARG A 295 3.95 4.78 56.84
N TRP A 296 5.14 4.19 56.78
CA TRP A 296 6.10 4.54 55.75
C TRP A 296 5.61 4.14 54.36
N TYR A 297 4.91 3.01 54.26
CA TYR A 297 4.40 2.56 52.97
C TYR A 297 3.32 3.51 52.44
N LEU A 298 2.41 3.96 53.32
CA LEU A 298 1.47 5.00 52.91
C LEU A 298 2.20 6.25 52.46
N GLN A 299 3.31 6.60 53.13
CA GLN A 299 4.08 7.77 52.71
C GLN A 299 4.67 7.57 51.32
N ILE A 300 5.18 6.36 51.04
CA ILE A 300 5.70 6.06 49.72
C ILE A 300 4.62 6.25 48.66
N ILE A 301 3.44 5.69 48.90
CA ILE A 301 2.36 5.79 47.92
C ILE A 301 1.93 7.24 47.75
N ARG A 302 1.81 7.98 48.86
CA ARG A 302 1.39 9.38 48.78
C ARG A 302 2.40 10.22 48.01
N PHE A 303 3.69 10.01 48.25
CA PHE A 303 4.71 10.77 47.54
C PHE A 303 4.76 10.40 46.06
N LEU A 304 4.56 9.12 45.75
CA LEU A 304 4.46 8.70 44.36
C LEU A 304 3.27 9.37 43.68
N LEU A 305 2.15 9.47 44.39
CA LEU A 305 0.98 10.14 43.87
C LEU A 305 1.26 11.62 43.60
N LEU A 306 1.95 12.27 44.53
CA LEU A 306 2.24 13.69 44.39
C LEU A 306 3.23 13.95 43.27
N PHE A 307 4.29 13.15 43.17
CA PHE A 307 5.35 13.43 42.21
C PHE A 307 4.93 13.12 40.79
N SER A 308 4.02 12.15 40.61
CA SER A 308 3.52 11.86 39.26
C SER A 308 2.75 13.04 38.70
N ASN A 309 1.88 13.63 39.52
CA ASN A 309 0.97 14.74 39.14
C ASN A 309 0.35 14.41 37.78
N ILE A 310 0.57 15.23 36.75
CA ILE A 310 -0.13 15.09 35.49
C ILE A 310 0.72 14.41 34.42
N ILE A 311 1.73 13.66 34.81
CA ILE A 311 2.71 13.11 33.86
C ILE A 311 2.02 12.23 32.83
N PRO A 312 1.27 11.19 33.21
CA PRO A 312 0.70 10.32 32.16
C PRO A 312 -0.57 10.87 31.51
N ILE A 313 -1.39 11.61 32.24
CA ILE A 313 -2.70 12.01 31.71
C ILE A 313 -2.57 13.20 30.76
N SER A 314 -1.74 14.18 31.11
CA SER A 314 -1.54 15.32 30.22
C SER A 314 -0.86 14.89 28.93
N LEU A 315 0.10 13.97 29.03
CA LEU A 315 0.71 13.39 27.84
C LEU A 315 -0.35 12.78 26.93
N ARG A 316 -1.25 11.98 27.50
CA ARG A 316 -2.29 11.33 26.72
C ARG A 316 -3.20 12.34 26.05
N VAL A 317 -3.66 13.33 26.81
CA VAL A 317 -4.60 14.31 26.26
C VAL A 317 -3.97 15.10 25.13
N ASN A 318 -2.75 15.59 25.34
CA ASN A 318 -2.12 16.44 24.34
C ASN A 318 -1.70 15.63 23.12
N LEU A 319 -1.22 14.40 23.30
CA LEU A 319 -0.88 13.57 22.15
C LEU A 319 -2.11 13.22 21.34
N ASP A 320 -3.24 12.93 22.00
CA ASP A 320 -4.46 12.63 21.26
C ASP A 320 -4.94 13.85 20.48
N MET A 321 -4.90 15.03 21.09
CA MET A 321 -5.31 16.22 20.37
C MET A 321 -4.40 16.46 19.17
N GLY A 322 -3.10 16.26 19.36
CA GLY A 322 -2.16 16.44 18.27
C GLY A 322 -2.41 15.47 17.12
N LYS A 323 -2.67 14.20 17.43
CA LYS A 323 -2.96 13.24 16.37
C LYS A 323 -4.23 13.61 15.61
N ILE A 324 -5.25 14.08 16.34
CA ILE A 324 -6.45 14.58 15.66
C ILE A 324 -6.09 15.71 14.72
N VAL A 325 -5.23 16.64 15.16
CA VAL A 325 -4.83 17.76 14.32
C VAL A 325 -4.07 17.27 13.08
N TYR A 326 -3.17 16.31 13.25
CA TYR A 326 -2.39 15.81 12.12
C TYR A 326 -3.29 15.17 11.08
N SER A 327 -4.23 14.33 11.53
CA SER A 327 -5.15 13.71 10.59
C SER A 327 -6.03 14.73 9.91
N TRP A 328 -6.46 15.76 10.65
CA TRP A 328 -7.23 16.86 10.07
C TRP A 328 -6.44 17.57 8.98
N VAL A 329 -5.15 17.81 9.22
CA VAL A 329 -4.31 18.50 8.24
C VAL A 329 -4.09 17.63 7.01
N ILE A 330 -3.88 16.32 7.20
CA ILE A 330 -3.69 15.43 6.07
C ILE A 330 -4.96 15.36 5.21
N ARG A 331 -6.12 15.25 5.85
CA ARG A 331 -7.36 15.11 5.10
C ARG A 331 -7.73 16.38 4.34
N ARG A 332 -7.27 17.54 4.78
CA ARG A 332 -7.60 18.81 4.16
C ARG A 332 -6.58 19.26 3.12
N ASP A 333 -5.50 18.51 2.91
CA ASP A 333 -4.45 18.94 2.00
C ASP A 333 -4.92 18.79 0.56
N SER A 334 -4.93 19.89 -0.18
CA SER A 334 -5.38 19.90 -1.56
C SER A 334 -4.29 19.55 -2.56
N LYS A 335 -3.04 19.46 -2.13
CA LYS A 335 -1.97 18.97 -2.99
C LYS A 335 -1.85 17.46 -2.99
N ILE A 336 -2.52 16.76 -2.07
CA ILE A 336 -2.68 15.31 -2.14
C ILE A 336 -4.16 15.00 -1.97
N PRO A 337 -5.01 15.44 -2.89
CA PRO A 337 -6.45 15.34 -2.67
C PRO A 337 -6.93 13.90 -2.61
N GLY A 338 -7.97 13.68 -1.82
CA GLY A 338 -8.53 12.36 -1.66
C GLY A 338 -7.81 11.44 -0.70
N THR A 339 -6.86 11.96 0.07
CA THR A 339 -6.17 11.13 1.05
C THR A 339 -7.08 10.84 2.24
N VAL A 340 -7.13 9.58 2.64
CA VAL A 340 -8.00 9.12 3.71
C VAL A 340 -7.13 8.58 4.83
N VAL A 341 -7.39 9.03 6.05
CA VAL A 341 -6.67 8.57 7.24
C VAL A 341 -7.59 7.63 7.99
N ARG A 342 -7.26 6.34 7.99
CA ARG A 342 -8.05 5.36 8.73
C ARG A 342 -7.47 5.13 10.11
N SER A 343 -6.15 4.96 10.20
CA SER A 343 -5.44 4.83 11.48
C SER A 343 -4.95 6.20 11.89
N SER A 344 -5.85 6.95 12.54
CA SER A 344 -5.55 8.32 12.95
C SER A 344 -4.54 8.41 14.08
N THR A 345 -4.21 7.30 14.73
CA THR A 345 -3.30 7.32 15.86
C THR A 345 -1.84 7.07 15.49
N ILE A 346 -1.52 6.84 14.21
CA ILE A 346 -0.13 6.60 13.84
C ILE A 346 0.35 7.49 12.70
N PRO A 347 0.09 8.80 12.70
CA PRO A 347 0.65 9.63 11.61
C PRO A 347 2.12 9.91 11.75
N GLU A 348 2.71 9.77 12.94
CA GLU A 348 4.14 9.96 13.13
C GLU A 348 4.96 8.82 12.57
N GLN A 349 4.33 7.69 12.24
CA GLN A 349 5.06 6.59 11.59
C GLN A 349 5.57 7.00 10.21
N LEU A 350 4.82 7.87 9.52
CA LEU A 350 5.20 8.29 8.18
C LEU A 350 6.48 9.12 8.17
N GLY A 351 6.92 9.61 9.33
CA GLY A 351 8.16 10.36 9.41
C GLY A 351 9.41 9.57 9.65
N ARG A 352 9.32 8.24 9.82
CA ARG A 352 10.47 7.44 10.16
C ARG A 352 10.50 6.14 9.38
N ILE A 353 10.23 6.22 8.08
CA ILE A 353 10.16 5.03 7.23
C ILE A 353 11.51 4.77 6.59
N SER A 354 12.03 3.56 6.77
CA SER A 354 13.31 3.17 6.20
C SER A 354 13.18 2.29 4.96
N TYR A 355 12.12 1.49 4.87
CA TYR A 355 11.92 0.58 3.76
C TYR A 355 10.53 0.81 3.20
N LEU A 356 10.44 1.08 1.91
CA LEU A 356 9.17 1.16 1.20
C LEU A 356 9.04 -0.07 0.32
N LEU A 357 8.05 -0.90 0.61
CA LEU A 357 7.79 -2.11 -0.16
C LEU A 357 6.61 -1.83 -1.07
N THR A 358 6.87 -1.71 -2.36
CA THR A 358 5.85 -1.27 -3.28
C THR A 358 5.40 -2.38 -4.24
N BFD A 359 4.11 -2.33 -4.55
CA BFD A 359 3.51 -3.05 -5.67
C BFD A 359 3.76 -2.34 -7.00
O BFD A 359 3.87 -1.19 -7.46
CB BFD A 359 2.03 -3.20 -5.36
CG BFD A 359 1.39 -4.14 -6.32
OD1 BFD A 359 2.08 -5.38 -6.60
OD2 BFD A 359 0.32 -3.89 -6.85
BE BFD A 359 1.52 -6.48 -7.82
F1 BFD A 359 2.19 -6.33 -9.43
F2 BFD A 359 0.77 -7.98 -7.30
F3 BFD A 359 0.03 -5.62 -8.18
N LYS A 360 3.83 -3.29 -7.92
CA LYS A 360 4.00 -2.90 -9.32
C LYS A 360 2.66 -2.61 -10.02
N THR A 361 1.91 -3.66 -10.36
CA THR A 361 0.72 -3.51 -11.18
C THR A 361 -0.33 -2.67 -10.47
N GLY A 362 -0.73 -1.58 -11.11
CA GLY A 362 -1.75 -0.70 -10.57
C GLY A 362 -1.27 0.31 -9.57
N THR A 363 -0.06 0.16 -9.06
CA THR A 363 0.52 1.08 -8.08
C THR A 363 1.57 1.98 -8.70
N LEU A 364 2.56 1.40 -9.39
CA LEU A 364 3.50 2.18 -10.17
C LEU A 364 3.01 2.42 -11.60
N THR A 365 2.22 1.49 -12.14
CA THR A 365 1.77 1.57 -13.52
C THR A 365 0.27 1.82 -13.58
N GLN A 366 -0.17 2.29 -14.73
CA GLN A 366 -1.58 2.54 -14.99
C GLN A 366 -2.31 1.32 -15.52
N ASN A 367 -1.61 0.20 -15.70
CA ASN A 367 -2.15 -1.00 -16.36
C ASN A 367 -2.66 -0.67 -17.76
N GLU A 368 -1.89 0.11 -18.50
CA GLU A 368 -2.24 0.50 -19.86
C GLU A 368 -0.97 0.49 -20.71
N MET A 369 -0.78 -0.60 -21.44
CA MET A 369 0.37 -0.73 -22.34
C MET A 369 0.17 0.08 -23.60
N ILE A 370 1.24 0.67 -24.11
CA ILE A 370 1.19 1.47 -25.33
C ILE A 370 2.43 1.19 -26.16
N PHE A 371 2.24 1.14 -27.48
CA PHE A 371 3.36 1.01 -28.41
C PHE A 371 4.17 2.30 -28.39
N LYS A 372 5.50 2.18 -28.30
CA LYS A 372 6.36 3.34 -28.21
C LYS A 372 7.33 3.45 -29.38
N ARG A 373 8.10 2.41 -29.66
CA ARG A 373 9.20 2.51 -30.61
C ARG A 373 9.07 1.43 -31.67
N LEU A 374 9.20 1.84 -32.93
CA LEU A 374 9.36 0.94 -34.06
C LEU A 374 10.75 1.16 -34.62
N HIS A 375 11.62 0.17 -34.49
CA HIS A 375 12.99 0.27 -34.95
C HIS A 375 13.20 -0.63 -36.15
N LEU A 376 13.58 -0.03 -37.28
CA LEU A 376 13.82 -0.76 -38.52
C LEU A 376 15.31 -0.83 -38.87
N GLY A 377 16.18 -0.65 -37.88
CA GLY A 377 17.60 -0.70 -38.12
C GLY A 377 18.19 0.64 -38.49
N THR A 378 17.91 1.09 -39.72
CA THR A 378 18.39 2.38 -40.17
C THR A 378 17.57 3.54 -39.60
N VAL A 379 16.27 3.34 -39.40
CA VAL A 379 15.39 4.38 -38.88
C VAL A 379 14.63 3.81 -37.69
N ALA A 380 14.42 4.66 -36.68
CA ALA A 380 13.60 4.33 -35.53
C ALA A 380 12.51 5.39 -35.40
N TYR A 381 11.27 4.93 -35.23
CA TYR A 381 10.11 5.82 -35.15
C TYR A 381 9.56 5.81 -33.74
N GLY A 382 9.50 6.98 -33.12
CA GLY A 382 8.92 7.15 -31.82
C GLY A 382 7.50 7.69 -31.90
N LEU A 383 7.01 8.15 -30.75
CA LEU A 383 5.65 8.70 -30.70
C LEU A 383 5.51 9.94 -31.57
N ASP A 384 6.60 10.66 -31.80
CA ASP A 384 6.57 11.89 -32.59
C ASP A 384 6.76 11.66 -34.08
N SER A 385 7.03 10.43 -34.51
CA SER A 385 7.26 10.11 -35.91
C SER A 385 6.33 9.00 -36.39
N MET A 386 5.10 8.96 -35.87
CA MET A 386 4.13 7.98 -36.33
C MET A 386 3.40 8.44 -37.58
N ASP A 387 3.33 9.75 -37.82
CA ASP A 387 2.77 10.23 -39.08
C ASP A 387 3.61 9.78 -40.27
N GLU A 388 4.91 9.61 -40.08
CA GLU A 388 5.76 9.10 -41.14
C GLU A 388 5.39 7.67 -41.50
N VAL A 389 5.17 6.83 -40.49
CA VAL A 389 4.75 5.45 -40.73
C VAL A 389 3.39 5.42 -41.40
N GLN A 390 2.46 6.26 -40.94
CA GLN A 390 1.15 6.33 -41.56
C GLN A 390 1.26 6.75 -43.02
N SER A 391 2.12 7.72 -43.33
CA SER A 391 2.31 8.15 -44.70
C SER A 391 2.92 7.06 -45.56
N HIS A 392 3.87 6.30 -45.00
CA HIS A 392 4.45 5.19 -45.76
C HIS A 392 3.41 4.14 -46.11
N ILE A 393 2.59 3.75 -45.13
CA ILE A 393 1.54 2.77 -45.39
C ILE A 393 0.54 3.31 -46.41
N PHE A 394 0.15 4.58 -46.26
CA PHE A 394 -0.82 5.19 -47.16
C PHE A 394 -0.28 5.25 -48.58
N SER A 395 1.00 5.60 -48.74
CA SER A 395 1.60 5.65 -50.06
C SER A 395 1.66 4.27 -50.68
N ILE A 396 2.02 3.25 -49.89
CA ILE A 396 2.05 1.89 -50.42
C ILE A 396 0.69 1.50 -50.96
N TYR A 397 -0.36 1.71 -50.17
CA TYR A 397 -1.68 1.22 -50.58
C TYR A 397 -2.40 2.19 -51.51
N THR A 398 -1.84 3.37 -51.77
CA THR A 398 -2.39 4.24 -52.79
C THR A 398 -1.73 3.97 -54.14
N GLN A 399 -0.40 3.84 -54.17
CA GLN A 399 0.29 3.45 -55.39
C GLN A 399 0.08 1.99 -55.74
N GLN A 400 -0.49 1.20 -54.82
CA GLN A 400 -0.86 -0.17 -55.16
C GLN A 400 -1.89 -0.20 -56.28
N SER A 401 -2.89 0.68 -56.22
CA SER A 401 -3.92 0.77 -57.24
C SER A 401 -3.70 1.94 -58.20
N GLN A 402 -2.74 2.81 -57.92
CA GLN A 402 -2.45 3.94 -58.80
C GLN A 402 -0.97 4.27 -58.79
N ARG A 418 15.53 -2.22 -50.62
CA ARG A 418 14.24 -1.78 -51.13
C ARG A 418 13.89 -0.40 -50.57
N THR A 419 12.74 0.12 -51.01
CA THR A 419 12.31 1.43 -50.53
C THR A 419 11.98 1.38 -49.05
N MET A 420 12.09 2.54 -48.40
CA MET A 420 11.79 2.64 -46.98
C MET A 420 10.32 2.33 -46.71
N SER A 421 9.45 2.74 -47.63
CA SER A 421 8.03 2.46 -47.48
C SER A 421 7.75 0.97 -47.50
N SER A 422 8.46 0.23 -48.36
CA SER A 422 8.26 -1.22 -48.42
C SER A 422 8.68 -1.89 -47.12
N ARG A 423 9.80 -1.47 -46.53
CA ARG A 423 10.23 -2.05 -45.27
C ARG A 423 9.26 -1.72 -44.14
N VAL A 424 8.78 -0.47 -44.10
CA VAL A 424 7.79 -0.09 -43.10
C VAL A 424 6.53 -0.93 -43.27
N HIS A 425 6.08 -1.12 -44.51
CA HIS A 425 4.89 -1.92 -44.75
C HIS A 425 5.08 -3.37 -44.33
N GLU A 426 6.24 -3.94 -44.62
CA GLU A 426 6.51 -5.32 -44.20
C GLU A 426 6.47 -5.45 -42.70
N ALA A 427 7.10 -4.52 -41.98
CA ALA A 427 7.09 -4.57 -40.52
C ALA A 427 5.68 -4.42 -39.98
N VAL A 428 4.89 -3.50 -40.53
CA VAL A 428 3.55 -3.25 -40.01
C VAL A 428 2.64 -4.45 -40.28
N LYS A 429 2.75 -5.05 -41.46
CA LYS A 429 1.97 -6.24 -41.76
C LYS A 429 2.35 -7.40 -40.84
N ALA A 430 3.65 -7.58 -40.58
CA ALA A 430 4.07 -8.63 -39.67
C ALA A 430 3.52 -8.41 -38.27
N ILE A 431 3.55 -7.17 -37.79
CA ILE A 431 3.00 -6.87 -36.47
C ILE A 431 1.49 -7.10 -36.46
N ALA A 432 0.82 -6.79 -37.58
CA ALA A 432 -0.62 -6.98 -37.66
C ALA A 432 -1.03 -8.43 -37.77
N LEU A 433 -0.12 -9.33 -38.18
CA LEU A 433 -0.49 -10.72 -38.39
C LEU A 433 0.04 -11.69 -37.34
N CYS A 434 1.22 -11.45 -36.77
CA CYS A 434 1.83 -12.43 -35.88
C CYS A 434 1.42 -12.16 -34.44
N HIS A 435 0.27 -12.69 -34.06
CA HIS A 435 -0.27 -12.49 -32.71
C HIS A 435 -1.42 -13.47 -32.51
N ASN A 436 -2.00 -13.43 -31.31
CA ASN A 436 -3.19 -14.19 -30.95
C ASN A 436 -4.29 -13.25 -30.45
N VAL A 437 -4.51 -12.14 -31.17
CA VAL A 437 -5.48 -11.13 -30.81
C VAL A 437 -6.73 -11.33 -31.66
N THR A 438 -7.89 -11.28 -31.02
CA THR A 438 -9.16 -11.44 -31.71
C THR A 438 -9.98 -10.16 -31.60
N PRO A 439 -10.49 -9.62 -32.70
CA PRO A 439 -11.43 -8.51 -32.62
C PRO A 439 -12.79 -8.99 -32.17
N VAL A 440 -13.40 -8.23 -31.26
CA VAL A 440 -14.73 -8.54 -30.75
C VAL A 440 -15.62 -7.33 -30.99
N TYR A 441 -16.75 -7.57 -31.66
CA TYR A 441 -17.71 -6.51 -31.95
C TYR A 441 -18.90 -6.64 -31.03
N GLU A 442 -19.39 -5.49 -30.55
CA GLU A 442 -20.53 -5.44 -29.66
C GLU A 442 -21.50 -4.36 -30.13
N SER A 443 -22.79 -4.62 -29.97
CA SER A 443 -23.81 -3.68 -30.39
C SER A 443 -23.75 -2.40 -29.55
N ASN A 444 -23.84 -1.25 -30.22
CA ASN A 444 -23.86 0.04 -29.57
C ASN A 444 -25.23 0.71 -29.72
N GLY A 445 -26.29 -0.07 -29.78
CA GLY A 445 -27.63 0.46 -29.92
C GLY A 445 -27.98 0.83 -31.34
N VAL A 446 -27.26 1.81 -31.90
CA VAL A 446 -27.50 2.22 -33.27
C VAL A 446 -27.18 1.08 -34.24
N THR A 447 -26.04 0.42 -34.03
CA THR A 447 -25.61 -0.70 -34.87
C THR A 447 -25.59 -1.96 -34.03
N ASP A 448 -26.32 -2.98 -34.48
CA ASP A 448 -26.32 -4.26 -33.80
C ASP A 448 -24.99 -4.99 -34.03
N GLN A 449 -24.69 -5.93 -33.13
CA GLN A 449 -23.40 -6.63 -33.20
C GLN A 449 -23.26 -7.39 -34.52
N ALA A 450 -24.33 -8.06 -34.95
CA ALA A 450 -24.29 -8.76 -36.24
C ALA A 450 -24.08 -7.79 -37.38
N GLU A 451 -24.73 -6.62 -37.32
CA GLU A 451 -24.50 -5.59 -38.32
C GLU A 451 -23.06 -5.08 -38.26
N ALA A 452 -22.54 -4.85 -37.06
CA ALA A 452 -21.20 -4.31 -36.91
C ALA A 452 -20.14 -5.33 -37.30
N GLU A 453 -20.36 -6.60 -36.96
CA GLU A 453 -19.38 -7.64 -37.27
C GLU A 453 -19.27 -7.89 -38.78
N LYS A 454 -20.29 -7.54 -39.55
CA LYS A 454 -20.24 -7.68 -41.00
C LYS A 454 -19.71 -6.43 -41.68
N GLN A 455 -19.96 -5.26 -41.11
CA GLN A 455 -19.47 -4.00 -41.66
C GLN A 455 -18.15 -3.56 -41.06
N TYR A 456 -17.61 -4.32 -40.11
CA TYR A 456 -16.34 -3.99 -39.44
C TYR A 456 -16.39 -2.60 -38.83
N GLU A 457 -17.45 -2.34 -38.04
CA GLU A 457 -17.62 -1.03 -37.45
C GLU A 457 -16.50 -0.74 -36.47
N ASP A 458 -15.87 0.43 -36.63
CA ASP A 458 -14.72 0.79 -35.81
C ASP A 458 -15.11 1.01 -34.36
N SER A 459 -16.23 1.71 -34.12
CA SER A 459 -16.61 2.07 -32.76
C SER A 459 -17.03 0.86 -31.95
N CYS A 460 -17.52 -0.19 -32.62
CA CYS A 460 -17.99 -1.38 -31.94
C CYS A 460 -16.89 -2.41 -31.71
N ARG A 461 -15.70 -2.20 -32.26
CA ARG A 461 -14.65 -3.20 -32.19
C ARG A 461 -13.83 -3.06 -30.91
N VAL A 462 -13.48 -4.21 -30.33
CA VAL A 462 -12.62 -4.28 -29.17
C VAL A 462 -11.62 -5.41 -29.41
N TYR A 463 -10.37 -5.18 -29.04
CA TYR A 463 -9.31 -6.17 -29.23
C TYR A 463 -9.10 -6.95 -27.94
N GLN A 464 -9.07 -8.27 -28.05
CA GLN A 464 -8.98 -9.16 -26.90
C GLN A 464 -7.83 -10.13 -27.10
N ALA A 465 -7.01 -10.28 -26.06
CA ALA A 465 -5.93 -11.25 -26.08
C ALA A 465 -5.52 -11.52 -24.65
N SER A 466 -4.73 -12.58 -24.46
CA SER A 466 -4.14 -12.82 -23.16
C SER A 466 -3.05 -11.80 -22.85
N SER A 467 -2.26 -11.44 -23.85
CA SER A 467 -1.14 -10.53 -23.68
C SER A 467 -1.59 -9.10 -23.96
N PRO A 468 -1.48 -8.18 -23.00
CA PRO A 468 -1.77 -6.77 -23.30
C PRO A 468 -0.76 -6.13 -24.24
N ASP A 469 0.47 -6.66 -24.34
CA ASP A 469 1.43 -6.15 -25.31
C ASP A 469 0.94 -6.36 -26.73
N GLU A 470 0.37 -7.53 -27.02
CA GLU A 470 -0.13 -7.81 -28.35
C GLU A 470 -1.31 -6.91 -28.70
N VAL A 471 -2.18 -6.65 -27.71
CA VAL A 471 -3.29 -5.74 -27.93
C VAL A 471 -2.79 -4.33 -28.22
N ALA A 472 -1.75 -3.89 -27.50
CA ALA A 472 -1.15 -2.59 -27.80
C ALA A 472 -0.58 -2.55 -29.21
N LEU A 473 0.08 -3.62 -29.63
CA LEU A 473 0.64 -3.67 -30.98
C LEU A 473 -0.45 -3.59 -32.04
N VAL A 474 -1.55 -4.32 -31.84
CA VAL A 474 -2.64 -4.31 -32.81
C VAL A 474 -3.34 -2.96 -32.84
N GLN A 475 -3.52 -2.34 -31.67
CA GLN A 475 -4.09 -0.99 -31.62
C GLN A 475 -3.21 0.01 -32.35
N TRP A 476 -1.89 -0.07 -32.15
CA TRP A 476 -1.00 0.83 -32.87
C TRP A 476 -1.07 0.60 -34.37
N THR A 477 -1.09 -0.66 -34.80
CA THR A 477 -1.14 -0.96 -36.22
C THR A 477 -2.41 -0.41 -36.83
N GLU A 478 -3.54 -0.49 -36.11
CA GLU A 478 -4.77 0.16 -36.58
C GLU A 478 -4.59 1.67 -36.67
N SER A 479 -3.96 2.27 -35.67
CA SER A 479 -3.75 3.71 -35.68
C SER A 479 -2.79 4.17 -36.77
N VAL A 480 -2.09 3.24 -37.42
CA VAL A 480 -1.09 3.59 -38.43
C VAL A 480 -1.59 3.32 -39.85
N GLY A 481 -2.63 2.50 -40.01
CA GLY A 481 -3.25 2.34 -41.32
C GLY A 481 -3.72 0.95 -41.67
N LEU A 482 -3.29 -0.06 -40.92
CA LEU A 482 -3.66 -1.45 -41.16
C LEU A 482 -4.47 -1.94 -39.97
N THR A 483 -5.73 -2.29 -40.19
CA THR A 483 -6.62 -2.68 -39.11
C THR A 483 -6.92 -4.17 -39.17
N LEU A 484 -6.75 -4.85 -38.05
CA LEU A 484 -7.24 -6.22 -37.89
C LEU A 484 -8.73 -6.15 -37.61
N VAL A 485 -9.54 -6.59 -38.56
CA VAL A 485 -10.99 -6.43 -38.49
C VAL A 485 -11.72 -7.75 -38.32
N GLY A 486 -11.06 -8.88 -38.48
CA GLY A 486 -11.72 -10.16 -38.30
C GLY A 486 -10.70 -11.26 -38.09
N ARG A 487 -11.08 -12.26 -37.30
CA ARG A 487 -10.20 -13.38 -37.03
C ARG A 487 -11.04 -14.63 -36.78
N ASP A 488 -10.40 -15.77 -36.96
CA ASP A 488 -10.99 -17.07 -36.71
C ASP A 488 -9.89 -18.02 -36.27
N GLN A 489 -10.16 -19.31 -36.30
CA GLN A 489 -9.09 -20.29 -36.12
C GLN A 489 -8.31 -20.54 -37.40
N SER A 490 -8.81 -20.07 -38.55
CA SER A 490 -8.16 -20.36 -39.82
C SER A 490 -8.13 -19.16 -40.78
N SER A 491 -8.49 -17.96 -40.32
CA SER A 491 -8.53 -16.82 -41.22
C SER A 491 -8.33 -15.53 -40.45
N MET A 492 -7.68 -14.57 -41.10
CA MET A 492 -7.54 -13.22 -40.59
C MET A 492 -7.95 -12.24 -41.69
N GLN A 493 -8.47 -11.09 -41.28
CA GLN A 493 -8.87 -10.04 -42.20
C GLN A 493 -8.21 -8.74 -41.79
N LEU A 494 -7.57 -8.07 -42.75
CA LEU A 494 -6.93 -6.78 -42.54
C LEU A 494 -7.59 -5.74 -43.43
N ARG A 495 -7.68 -4.52 -42.93
CA ARG A 495 -8.27 -3.41 -43.68
C ARG A 495 -7.18 -2.39 -44.00
N THR A 496 -7.01 -2.10 -45.28
CA THR A 496 -5.98 -1.18 -45.75
C THR A 496 -6.49 0.26 -45.70
N PRO A 497 -5.61 1.25 -45.85
CA PRO A 497 -6.07 2.64 -45.89
C PRO A 497 -7.01 2.93 -47.05
N GLY A 498 -7.02 2.11 -48.09
CA GLY A 498 -7.94 2.27 -49.18
C GLY A 498 -9.26 1.56 -48.95
N ASP A 499 -9.50 1.18 -47.70
CA ASP A 499 -10.72 0.52 -47.23
C ASP A 499 -10.90 -0.89 -47.80
N GLN A 500 -9.88 -1.43 -48.48
CA GLN A 500 -9.94 -2.78 -48.99
C GLN A 500 -9.72 -3.78 -47.86
N ILE A 501 -10.05 -5.05 -48.14
CA ILE A 501 -9.92 -6.13 -47.17
C ILE A 501 -8.96 -7.16 -47.72
N LEU A 502 -7.97 -7.52 -46.91
CA LEU A 502 -7.01 -8.57 -47.24
C LEU A 502 -7.29 -9.77 -46.36
N ASN A 503 -7.50 -10.93 -46.97
CA ASN A 503 -7.80 -12.16 -46.25
C ASN A 503 -6.57 -13.05 -46.21
N PHE A 504 -6.23 -13.53 -45.01
CA PHE A 504 -5.10 -14.41 -44.81
C PHE A 504 -5.58 -15.70 -44.18
N THR A 505 -5.18 -16.83 -44.77
CA THR A 505 -5.52 -18.13 -44.21
C THR A 505 -4.44 -18.55 -43.22
N ILE A 506 -4.85 -18.84 -41.99
CA ILE A 506 -3.91 -19.27 -40.96
C ILE A 506 -3.69 -20.77 -41.13
N LEU A 507 -2.52 -21.14 -41.63
CA LEU A 507 -2.19 -22.54 -41.83
C LEU A 507 -1.68 -23.20 -40.56
N GLN A 508 -0.66 -22.60 -39.94
CA GLN A 508 -0.11 -23.10 -38.69
C GLN A 508 -0.03 -21.96 -37.69
N ILE A 509 -0.23 -22.31 -36.43
CA ILE A 509 -0.13 -21.37 -35.32
C ILE A 509 0.78 -21.98 -34.28
N PHE A 510 1.77 -21.21 -33.82
CA PHE A 510 2.72 -21.67 -32.80
C PHE A 510 2.56 -20.73 -31.60
N PRO A 511 1.70 -21.06 -30.66
CA PRO A 511 1.36 -20.10 -29.60
C PRO A 511 2.53 -19.83 -28.68
N PHE A 512 2.50 -18.66 -28.06
CA PHE A 512 3.57 -18.23 -27.18
C PHE A 512 3.59 -19.08 -25.91
N THR A 513 4.77 -19.54 -25.54
CA THR A 513 5.01 -20.17 -24.25
C THR A 513 6.10 -19.39 -23.53
N TYR A 514 6.01 -19.35 -22.20
CA TYR A 514 7.01 -18.64 -21.42
C TYR A 514 8.36 -19.35 -21.41
N GLU A 515 8.43 -20.57 -21.91
CA GLU A 515 9.70 -21.28 -22.05
C GLU A 515 10.37 -21.00 -23.39
N SER A 516 9.59 -21.06 -24.48
CA SER A 516 10.14 -20.70 -25.78
C SER A 516 10.34 -19.20 -25.92
N LYS A 517 9.52 -18.41 -25.22
CA LYS A 517 9.61 -16.95 -25.23
C LYS A 517 9.44 -16.38 -26.63
N ARG A 518 8.65 -17.04 -27.47
CA ARG A 518 8.44 -16.58 -28.83
C ARG A 518 7.12 -17.15 -29.35
N MET A 519 6.67 -16.57 -30.45
CA MET A 519 5.37 -16.89 -31.03
C MET A 519 5.47 -16.80 -32.54
N GLY A 520 4.88 -17.75 -33.25
CA GLY A 520 4.99 -17.80 -34.68
C GLY A 520 3.67 -18.15 -35.33
N ILE A 521 3.58 -17.85 -36.62
CA ILE A 521 2.36 -18.10 -37.38
C ILE A 521 2.74 -18.25 -38.84
N ILE A 522 2.05 -19.14 -39.54
CA ILE A 522 2.20 -19.33 -40.98
C ILE A 522 0.88 -18.98 -41.64
N VAL A 523 0.92 -18.05 -42.59
CA VAL A 523 -0.28 -17.57 -43.25
C VAL A 523 -0.07 -17.62 -44.76
N ARG A 524 -1.18 -17.65 -45.48
CA ARG A 524 -1.18 -17.58 -46.94
C ARG A 524 -2.00 -16.36 -47.36
N ASP A 525 -1.40 -15.51 -48.18
CA ASP A 525 -2.06 -14.31 -48.68
C ASP A 525 -2.93 -14.70 -49.87
N GLU A 526 -4.26 -14.70 -49.66
CA GLU A 526 -5.16 -15.15 -50.73
C GLU A 526 -5.12 -14.26 -51.95
N SER A 527 -4.75 -12.99 -51.80
CA SER A 527 -4.63 -12.12 -52.97
C SER A 527 -3.43 -12.50 -53.83
N THR A 528 -2.35 -13.00 -53.21
CA THR A 528 -1.15 -13.36 -53.95
C THR A 528 -0.80 -14.83 -53.90
N GLY A 529 -1.32 -15.59 -52.93
CA GLY A 529 -1.01 -16.99 -52.79
C GLY A 529 0.28 -17.28 -52.07
N GLU A 530 1.03 -16.26 -51.67
CA GLU A 530 2.33 -16.46 -51.03
C GLU A 530 2.17 -16.95 -49.60
N ILE A 531 3.05 -17.85 -49.19
CA ILE A 531 3.03 -18.44 -47.85
C ILE A 531 4.17 -17.81 -47.07
N THR A 532 3.86 -17.23 -45.91
CA THR A 532 4.85 -16.52 -45.11
C THR A 532 4.83 -17.05 -43.68
N PHE A 533 6.02 -17.30 -43.14
CA PHE A 533 6.19 -17.69 -41.75
C PHE A 533 6.67 -16.46 -40.97
N TYR A 534 5.85 -16.01 -40.02
CA TYR A 534 6.17 -14.89 -39.15
C TYR A 534 6.51 -15.39 -37.76
N MET A 535 7.55 -14.84 -37.17
CA MET A 535 7.93 -15.18 -35.80
C MET A 535 8.22 -13.90 -35.03
N LYS A 536 7.90 -13.92 -33.74
CA LYS A 536 8.05 -12.76 -32.88
C LYS A 536 8.40 -13.23 -31.48
N GLY A 537 9.46 -12.67 -30.91
CA GLY A 537 9.88 -13.10 -29.59
C GLY A 537 10.98 -12.23 -29.03
N ALA A 538 11.47 -12.64 -27.86
CA ALA A 538 12.51 -11.91 -27.17
C ALA A 538 13.83 -11.97 -27.93
N ASP A 539 14.68 -10.96 -27.71
CA ASP A 539 15.94 -10.89 -28.45
C ASP A 539 16.88 -12.02 -28.08
N VAL A 540 16.80 -12.53 -26.85
CA VAL A 540 17.70 -13.59 -26.42
C VAL A 540 17.47 -14.85 -27.25
N VAL A 541 16.21 -15.13 -27.59
CA VAL A 541 15.91 -16.32 -28.39
C VAL A 541 15.83 -16.03 -29.88
N MET A 542 15.72 -14.76 -30.28
CA MET A 542 15.57 -14.41 -31.69
C MET A 542 16.84 -13.85 -32.30
N ALA A 543 17.91 -13.70 -31.53
CA ALA A 543 19.16 -13.20 -32.09
C ALA A 543 19.80 -14.21 -33.04
N GLY A 544 19.62 -15.50 -32.77
CA GLY A 544 20.17 -16.53 -33.64
C GLY A 544 19.20 -17.07 -34.66
N ILE A 545 17.92 -16.75 -34.50
CA ILE A 545 16.92 -17.23 -35.46
C ILE A 545 16.93 -16.39 -36.73
N VAL A 546 17.34 -15.13 -36.64
CA VAL A 546 17.30 -14.23 -37.78
C VAL A 546 18.64 -14.23 -38.49
N GLN A 547 18.67 -13.68 -39.70
CA GLN A 547 19.91 -13.60 -40.46
C GLN A 547 20.92 -12.69 -39.77
N TYR A 548 22.17 -12.81 -40.19
CA TYR A 548 23.24 -12.01 -39.58
C TYR A 548 22.98 -10.52 -39.80
N ASN A 549 23.16 -9.75 -38.74
CA ASN A 549 22.99 -8.31 -38.79
C ASN A 549 24.01 -7.67 -37.86
N ASP A 550 23.95 -6.34 -37.76
CA ASP A 550 24.90 -5.60 -36.93
C ASP A 550 24.21 -4.66 -35.95
N TRP A 551 22.90 -4.76 -35.78
CA TRP A 551 22.18 -3.80 -34.94
C TRP A 551 21.18 -4.41 -33.98
N LEU A 552 20.81 -5.68 -34.11
CA LEU A 552 19.78 -6.25 -33.24
C LEU A 552 20.17 -6.13 -31.77
N GLU A 553 21.39 -6.57 -31.44
CA GLU A 553 21.80 -6.60 -30.04
C GLU A 553 21.90 -5.20 -29.46
N GLU A 554 22.54 -4.28 -30.19
CA GLU A 554 22.77 -2.94 -29.66
C GLU A 554 21.47 -2.18 -29.48
N GLU A 555 20.61 -2.18 -30.49
CA GLU A 555 19.37 -1.44 -30.38
C GLU A 555 18.40 -2.11 -29.42
N CYS A 556 18.42 -3.44 -29.34
CA CYS A 556 17.62 -4.13 -28.33
C CYS A 556 18.05 -3.74 -26.94
N GLY A 557 19.36 -3.66 -26.69
CA GLY A 557 19.83 -3.20 -25.40
C GLY A 557 19.46 -1.75 -25.11
N ASN A 558 19.56 -0.88 -26.13
CA ASN A 558 19.17 0.51 -25.94
C ASN A 558 17.70 0.63 -25.57
N MET A 559 16.84 -0.12 -26.27
CA MET A 559 15.41 -0.05 -25.99
C MET A 559 15.08 -0.67 -24.64
N ALA A 560 15.79 -1.75 -24.26
CA ALA A 560 15.57 -2.34 -22.95
C ALA A 560 16.00 -1.41 -21.83
N ARG A 561 17.06 -0.62 -22.05
CA ARG A 561 17.52 0.30 -21.03
C ARG A 561 16.50 1.39 -20.70
N GLU A 562 15.57 1.67 -21.61
CA GLU A 562 14.55 2.68 -21.38
C GLU A 562 13.31 2.13 -20.69
N GLY A 563 13.30 0.86 -20.32
CA GLY A 563 12.11 0.26 -19.75
C GLY A 563 11.07 -0.17 -20.75
N LEU A 564 11.47 -0.48 -21.98
CA LEU A 564 10.57 -0.94 -23.02
C LEU A 564 10.58 -2.47 -23.09
N ARG A 565 9.40 -3.04 -23.34
CA ARG A 565 9.29 -4.44 -23.68
C ARG A 565 9.62 -4.62 -25.17
N VAL A 566 10.73 -5.29 -25.45
CA VAL A 566 11.29 -5.36 -26.79
C VAL A 566 10.94 -6.70 -27.40
N LEU A 567 10.40 -6.68 -28.62
CA LEU A 567 10.14 -7.88 -29.40
C LEU A 567 10.86 -7.79 -30.72
N VAL A 568 11.43 -8.90 -31.17
CA VAL A 568 12.05 -9.01 -32.47
C VAL A 568 11.06 -9.69 -33.41
N VAL A 569 10.81 -9.07 -34.55
CA VAL A 569 9.86 -9.57 -35.54
C VAL A 569 10.64 -10.02 -36.77
N ALA A 570 10.45 -11.28 -37.15
CA ALA A 570 11.14 -11.88 -38.28
C ALA A 570 10.12 -12.46 -39.26
N LYS A 571 10.60 -12.79 -40.46
CA LYS A 571 9.74 -13.24 -41.54
C LYS A 571 10.50 -14.21 -42.43
N LYS A 572 9.82 -15.26 -42.87
CA LYS A 572 10.40 -16.24 -43.79
C LYS A 572 9.37 -16.52 -44.88
N SER A 573 9.66 -16.07 -46.10
CA SER A 573 8.80 -16.40 -47.24
C SER A 573 9.02 -17.84 -47.64
N LEU A 574 7.97 -18.65 -47.54
CA LEU A 574 8.06 -20.07 -47.81
C LEU A 574 7.50 -20.39 -49.18
N ALA A 575 8.20 -21.22 -49.93
CA ALA A 575 7.64 -21.74 -51.16
C ALA A 575 6.64 -22.84 -50.86
N GLU A 576 5.78 -23.12 -51.84
CA GLU A 576 4.69 -24.08 -51.62
C GLU A 576 5.23 -25.45 -51.23
N GLU A 577 6.21 -25.96 -51.98
CA GLU A 577 6.77 -27.27 -51.71
C GLU A 577 7.43 -27.32 -50.34
N GLN A 578 8.11 -26.24 -49.94
CA GLN A 578 8.70 -26.19 -48.62
C GLN A 578 7.62 -26.29 -47.54
N TYR A 579 6.50 -25.59 -47.72
CA TYR A 579 5.45 -25.66 -46.72
C TYR A 579 4.86 -27.05 -46.63
N GLN A 580 4.59 -27.70 -47.78
CA GLN A 580 4.05 -29.06 -47.71
C GLN A 580 5.04 -30.02 -47.05
N ASP A 581 6.33 -29.87 -47.38
CA ASP A 581 7.34 -30.74 -46.77
C ASP A 581 7.39 -30.54 -45.26
N PHE A 582 7.33 -29.30 -44.80
CA PHE A 582 7.30 -29.06 -43.36
C PHE A 582 6.02 -29.59 -42.73
N GLU A 583 4.89 -29.40 -43.41
CA GLU A 583 3.60 -29.79 -42.85
C GLU A 583 3.50 -31.29 -42.67
N ALA A 584 4.03 -32.06 -43.62
CA ALA A 584 4.00 -33.51 -43.49
C ALA A 584 4.72 -33.97 -42.23
N ARG A 585 5.94 -33.46 -42.02
CA ARG A 585 6.70 -33.83 -40.83
C ARG A 585 6.02 -33.35 -39.56
N TYR A 586 5.44 -32.14 -39.61
CA TYR A 586 4.78 -31.60 -38.42
C TYR A 586 3.58 -32.46 -38.03
N VAL A 587 2.77 -32.86 -39.01
CA VAL A 587 1.63 -33.74 -38.74
C VAL A 587 2.12 -35.08 -38.21
N GLN A 588 3.17 -35.64 -38.82
CA GLN A 588 3.69 -36.92 -38.36
C GLN A 588 4.16 -36.84 -36.92
N ALA A 589 4.87 -35.77 -36.56
CA ALA A 589 5.35 -35.62 -35.19
C ALA A 589 4.21 -35.40 -34.22
N LYS A 590 3.18 -34.65 -34.63
CA LYS A 590 2.03 -34.45 -33.76
C LYS A 590 1.29 -35.75 -33.50
N LEU A 591 1.14 -36.59 -34.52
CA LEU A 591 0.39 -37.84 -34.37
C LEU A 591 1.10 -38.79 -33.42
N SER A 592 2.43 -38.87 -33.49
CA SER A 592 3.17 -39.76 -32.62
C SER A 592 3.00 -39.36 -31.17
N VAL A 593 2.81 -40.36 -30.31
CA VAL A 593 2.60 -40.13 -28.88
C VAL A 593 3.85 -40.43 -28.06
N HIS A 594 4.95 -40.82 -28.70
CA HIS A 594 6.20 -41.10 -28.01
C HIS A 594 7.03 -39.83 -27.99
N ASP A 595 6.97 -39.10 -26.88
CA ASP A 595 7.62 -37.80 -26.73
C ASP A 595 7.20 -36.86 -27.86
N ARG A 596 5.89 -36.59 -27.91
CA ARG A 596 5.34 -35.72 -28.94
C ARG A 596 5.91 -34.32 -28.85
N SER A 597 6.12 -33.83 -27.62
CA SER A 597 6.59 -32.46 -27.44
C SER A 597 7.96 -32.24 -28.06
N LEU A 598 8.89 -33.18 -27.84
CA LEU A 598 10.25 -32.99 -28.32
C LEU A 598 10.33 -33.03 -29.84
N LYS A 599 9.67 -34.01 -30.46
CA LYS A 599 9.68 -34.08 -31.92
C LYS A 599 8.96 -32.88 -32.52
N VAL A 600 7.85 -32.46 -31.93
CA VAL A 600 7.14 -31.29 -32.42
C VAL A 600 8.03 -30.06 -32.34
N ALA A 601 8.75 -29.91 -31.22
CA ALA A 601 9.65 -28.77 -31.08
C ALA A 601 10.75 -28.81 -32.13
N THR A 602 11.32 -29.99 -32.38
CA THR A 602 12.37 -30.10 -33.39
C THR A 602 11.84 -29.73 -34.77
N VAL A 603 10.63 -30.20 -35.10
CA VAL A 603 10.06 -29.87 -36.40
C VAL A 603 9.79 -28.37 -36.51
N ILE A 604 9.37 -27.74 -35.41
CA ILE A 604 9.11 -26.32 -35.43
C ILE A 604 10.39 -25.53 -35.65
N GLU A 605 11.45 -25.85 -34.88
CA GLU A 605 12.71 -25.15 -35.08
C GLU A 605 13.40 -25.53 -36.38
N SER A 606 12.94 -26.55 -37.08
CA SER A 606 13.42 -26.79 -38.44
C SER A 606 13.15 -25.61 -39.35
N LEU A 607 12.13 -24.81 -39.03
CA LEU A 607 11.82 -23.62 -39.81
C LEU A 607 12.46 -22.35 -39.27
N GLU A 608 12.84 -22.34 -38.00
CA GLU A 608 13.33 -21.13 -37.34
C GLU A 608 14.83 -20.95 -37.58
N MET A 609 15.15 -20.56 -38.81
CA MET A 609 16.55 -20.30 -39.16
C MET A 609 16.61 -19.35 -40.34
N GLU A 610 17.60 -18.46 -40.31
CA GLU A 610 17.86 -17.53 -41.40
C GLU A 610 16.62 -16.71 -41.76
N MET A 611 15.90 -16.28 -40.73
CA MET A 611 14.69 -15.50 -40.91
C MET A 611 15.04 -14.05 -41.16
N GLU A 612 14.32 -13.43 -42.09
CA GLU A 612 14.60 -12.04 -42.44
C GLU A 612 14.15 -11.12 -41.31
N LEU A 613 15.10 -10.42 -40.70
CA LEU A 613 14.78 -9.51 -39.61
C LEU A 613 14.04 -8.29 -40.15
N LEU A 614 12.87 -8.01 -39.57
CA LEU A 614 12.02 -6.92 -40.04
C LEU A 614 12.16 -5.69 -39.17
N CYS A 615 11.94 -5.81 -37.88
CA CYS A 615 11.91 -4.63 -37.01
C CYS A 615 12.11 -5.06 -35.57
N LEU A 616 12.27 -4.06 -34.71
CA LEU A 616 12.13 -4.18 -33.27
C LEU A 616 10.94 -3.36 -32.84
N THR A 617 10.15 -3.89 -31.92
CA THR A 617 9.01 -3.18 -31.37
C THR A 617 9.25 -2.89 -29.90
N GLY A 618 8.84 -1.70 -29.47
CA GLY A 618 8.94 -1.34 -28.07
C GLY A 618 7.59 -0.95 -27.51
N VAL A 619 7.15 -1.66 -26.48
CA VAL A 619 5.89 -1.39 -25.80
C VAL A 619 6.21 -1.02 -24.37
N GLU A 620 5.60 0.05 -23.88
CA GLU A 620 5.81 0.53 -22.52
C GLU A 620 4.56 0.28 -21.69
N ASP A 621 4.76 -0.23 -20.48
CA ASP A 621 3.72 -0.25 -19.46
C ASP A 621 3.72 1.11 -18.78
N GLN A 622 2.74 1.94 -19.11
CA GLN A 622 2.76 3.33 -18.71
C GLN A 622 2.76 3.47 -17.19
N LEU A 623 3.75 4.20 -16.69
CA LEU A 623 3.80 4.50 -15.27
C LEU A 623 2.71 5.50 -14.91
N GLN A 624 2.42 5.56 -13.62
CA GLN A 624 1.54 6.60 -13.12
C GLN A 624 2.30 7.93 -13.03
N ALA A 625 1.54 9.00 -12.83
CA ALA A 625 2.10 10.34 -12.93
C ALA A 625 3.17 10.57 -11.86
N ASP A 626 4.32 11.09 -12.30
CA ASP A 626 5.42 11.50 -11.42
C ASP A 626 5.95 10.35 -10.57
N VAL A 627 5.97 9.15 -11.14
CA VAL A 627 6.52 8.00 -10.42
C VAL A 627 8.04 8.13 -10.29
N ARG A 628 8.71 8.49 -11.37
CA ARG A 628 10.17 8.65 -11.33
C ARG A 628 10.63 9.74 -10.36
N PRO A 629 10.08 10.97 -10.39
CA PRO A 629 10.48 11.96 -9.37
C PRO A 629 10.19 11.50 -7.94
N THR A 630 9.07 10.80 -7.73
CA THR A 630 8.74 10.32 -6.39
C THR A 630 9.76 9.30 -5.92
N LEU A 631 10.16 8.38 -6.79
CA LEU A 631 11.17 7.39 -6.42
C LEU A 631 12.52 8.06 -6.16
N GLU A 632 12.86 9.07 -6.96
CA GLU A 632 14.09 9.82 -6.72
C GLU A 632 14.05 10.50 -5.36
N THR A 633 12.92 11.12 -5.02
CA THR A 633 12.78 11.78 -3.73
C THR A 633 12.88 10.78 -2.58
N LEU A 634 12.25 9.61 -2.72
CA LEU A 634 12.33 8.62 -1.66
C LEU A 634 13.75 8.10 -1.48
N ARG A 635 14.45 7.88 -2.59
CA ARG A 635 15.84 7.43 -2.51
C ARG A 635 16.73 8.49 -1.86
N ASN A 636 16.51 9.76 -2.22
CA ASN A 636 17.30 10.84 -1.65
C ASN A 636 16.97 11.10 -0.18
N ALA A 637 15.84 10.61 0.30
CA ALA A 637 15.46 10.72 1.70
C ALA A 637 16.04 9.60 2.55
N GLY A 638 16.82 8.71 1.96
CA GLY A 638 17.37 7.57 2.67
C GLY A 638 16.49 6.35 2.74
N ILE A 639 15.37 6.34 2.03
CA ILE A 639 14.43 5.21 2.05
C ILE A 639 14.83 4.20 0.98
N LYS A 640 14.89 2.94 1.37
CA LYS A 640 15.12 1.85 0.44
C LYS A 640 13.78 1.36 -0.11
N VAL A 641 13.71 1.19 -1.42
CA VAL A 641 12.47 0.80 -2.10
C VAL A 641 12.64 -0.57 -2.70
N TRP A 642 11.74 -1.48 -2.37
CA TRP A 642 11.66 -2.81 -2.95
C TRP A 642 10.36 -2.94 -3.71
N MET A 643 10.42 -3.60 -4.87
CA MET A 643 9.23 -3.89 -5.65
C MET A 643 8.82 -5.34 -5.41
N LEU A 644 7.64 -5.53 -4.83
CA LEU A 644 7.06 -6.84 -4.62
C LEU A 644 5.84 -6.96 -5.53
N THR A 645 5.89 -7.86 -6.48
CA THR A 645 4.83 -8.00 -7.47
C THR A 645 4.46 -9.46 -7.66
N GLY A 646 3.19 -9.70 -7.96
CA GLY A 646 2.75 -10.99 -8.39
C GLY A 646 2.95 -11.28 -9.86
N ASP A 647 3.42 -10.28 -10.62
CA ASP A 647 3.54 -10.38 -12.05
C ASP A 647 4.84 -11.11 -12.44
N LYS A 648 5.00 -11.32 -13.74
CA LYS A 648 6.11 -12.08 -14.29
C LYS A 648 7.41 -11.29 -14.25
N LEU A 649 8.52 -12.01 -14.42
CA LEU A 649 9.84 -11.44 -14.25
C LEU A 649 10.15 -10.38 -15.30
N GLU A 650 9.84 -10.64 -16.56
CA GLU A 650 10.19 -9.71 -17.63
C GLU A 650 9.46 -8.39 -17.48
N THR A 651 8.17 -8.45 -17.19
CA THR A 651 7.39 -7.23 -16.98
C THR A 651 7.92 -6.44 -15.79
N ALA A 652 8.25 -7.15 -14.70
CA ALA A 652 8.78 -6.48 -13.51
C ALA A 652 10.10 -5.80 -13.80
N THR A 653 10.99 -6.47 -14.53
CA THR A 653 12.28 -5.86 -14.87
C THR A 653 12.10 -4.64 -15.77
N CYS A 654 11.21 -4.74 -16.76
CA CYS A 654 10.96 -3.61 -17.65
C CYS A 654 10.42 -2.42 -16.85
N THR A 655 9.47 -2.66 -15.95
CA THR A 655 8.90 -1.57 -15.17
C THR A 655 9.92 -0.98 -14.21
N ALA A 656 10.76 -1.82 -13.60
CA ALA A 656 11.79 -1.32 -12.69
C ALA A 656 12.77 -0.42 -13.42
N LYS A 657 13.16 -0.79 -14.64
CA LYS A 657 14.02 0.09 -15.42
C LYS A 657 13.28 1.35 -15.86
N ASN A 658 12.02 1.22 -16.23
CA ASN A 658 11.22 2.35 -16.69
C ASN A 658 11.01 3.37 -15.58
N ALA A 659 10.73 2.90 -14.36
CA ALA A 659 10.44 3.77 -13.25
C ALA A 659 11.71 4.30 -12.59
N HIS A 660 12.88 3.91 -13.07
CA HIS A 660 14.18 4.24 -12.49
C HIS A 660 14.35 3.67 -11.09
N LEU A 661 13.59 2.61 -10.76
CA LEU A 661 13.89 1.84 -9.57
C LEU A 661 15.30 1.27 -9.62
N VAL A 662 15.72 0.87 -10.82
CA VAL A 662 17.10 0.52 -11.11
C VAL A 662 17.68 1.60 -12.00
N THR A 663 18.87 2.09 -11.63
CA THR A 663 19.55 3.14 -12.38
C THR A 663 20.02 2.60 -13.74
N ARG A 664 20.11 3.51 -14.71
CA ARG A 664 20.41 3.12 -16.09
C ARG A 664 21.70 2.32 -16.20
N ASN A 665 22.72 2.68 -15.43
CA ASN A 665 24.01 1.98 -15.46
C ASN A 665 24.15 0.94 -14.35
N GLN A 666 23.09 0.71 -13.57
CA GLN A 666 23.15 -0.22 -12.46
C GLN A 666 23.18 -1.66 -12.96
N ASP A 667 23.97 -2.49 -12.28
CA ASP A 667 24.00 -3.92 -12.57
C ASP A 667 22.77 -4.61 -11.99
N ILE A 668 22.26 -5.59 -12.73
CA ILE A 668 21.09 -6.36 -12.31
C ILE A 668 21.47 -7.83 -12.30
N HIS A 669 21.32 -8.48 -11.16
CA HIS A 669 21.54 -9.91 -11.01
C HIS A 669 20.18 -10.60 -10.92
N VAL A 670 19.85 -11.39 -11.94
CA VAL A 670 18.61 -12.15 -11.94
C VAL A 670 18.89 -13.50 -11.27
N PHE A 671 18.35 -13.68 -10.08
CA PHE A 671 18.47 -14.94 -9.35
C PHE A 671 17.93 -16.08 -10.19
N ARG A 672 18.75 -17.11 -10.40
CA ARG A 672 18.27 -18.25 -11.17
C ARG A 672 17.33 -19.09 -10.32
N LEU A 673 16.54 -19.92 -11.01
CA LEU A 673 15.63 -20.82 -10.31
C LEU A 673 16.42 -21.82 -9.47
N VAL A 674 16.12 -21.87 -8.18
CA VAL A 674 16.73 -22.82 -7.28
C VAL A 674 15.63 -23.68 -6.70
N THR A 675 15.98 -24.92 -6.35
CA THR A 675 15.01 -25.89 -5.87
C THR A 675 15.38 -26.55 -4.55
N ASN A 676 16.63 -26.45 -4.10
CA ASN A 676 17.04 -27.12 -2.88
C ASN A 676 18.08 -26.24 -2.17
N ARG A 677 18.63 -26.78 -1.09
CA ARG A 677 19.55 -26.01 -0.25
C ARG A 677 20.83 -25.67 -0.98
N GLY A 678 21.41 -26.65 -1.69
CA GLY A 678 22.69 -26.43 -2.34
C GLY A 678 22.63 -25.41 -3.46
N GLU A 679 21.59 -25.48 -4.28
CA GLU A 679 21.41 -24.51 -5.36
C GLU A 679 21.24 -23.10 -4.80
N ALA A 680 20.44 -22.96 -3.76
CA ALA A 680 20.24 -21.66 -3.13
C ALA A 680 21.54 -21.12 -2.57
N HIS A 681 22.33 -21.98 -1.92
CA HIS A 681 23.62 -21.55 -1.38
C HIS A 681 24.56 -21.08 -2.50
N LEU A 682 24.62 -21.83 -3.59
CA LEU A 682 25.48 -21.45 -4.70
C LEU A 682 25.06 -20.12 -5.30
N GLU A 683 23.77 -19.91 -5.50
CA GLU A 683 23.33 -18.65 -6.10
C GLU A 683 23.48 -17.48 -5.14
N LEU A 684 23.29 -17.71 -3.84
CA LEU A 684 23.55 -16.64 -2.88
C LEU A 684 25.02 -16.25 -2.86
N ASN A 685 25.91 -17.24 -2.99
CA ASN A 685 27.33 -16.94 -3.13
C ASN A 685 27.61 -16.13 -4.39
N ALA A 686 26.98 -16.52 -5.50
CA ALA A 686 27.17 -15.80 -6.76
C ALA A 686 26.71 -14.36 -6.65
N PHE A 687 25.60 -14.13 -5.97
CA PHE A 687 25.15 -12.76 -5.76
C PHE A 687 26.07 -12.00 -4.81
N ARG A 688 26.56 -12.67 -3.76
CA ARG A 688 27.46 -12.02 -2.83
C ARG A 688 28.75 -11.58 -3.50
N ARG A 689 29.17 -12.29 -4.55
CA ARG A 689 30.36 -11.88 -5.27
C ARG A 689 30.16 -10.64 -6.12
N LYS A 690 29.02 -9.97 -6.03
CA LYS A 690 28.73 -8.78 -6.82
C LYS A 690 28.64 -7.56 -5.90
N HIS A 691 28.80 -6.39 -6.51
CA HIS A 691 28.81 -5.13 -5.77
C HIS A 691 27.94 -4.12 -6.48
N ASP A 692 27.10 -3.41 -5.71
CA ASP A 692 26.16 -2.42 -6.24
C ASP A 692 25.26 -3.05 -7.32
N CYS A 693 24.80 -4.27 -7.06
CA CYS A 693 23.96 -5.01 -8.00
C CYS A 693 22.56 -5.12 -7.44
N ALA A 694 21.57 -4.69 -8.23
CA ALA A 694 20.19 -4.89 -7.85
C ALA A 694 19.82 -6.36 -7.95
N LEU A 695 18.91 -6.79 -7.07
CA LEU A 695 18.49 -8.18 -7.01
C LEU A 695 17.10 -8.32 -7.63
N VAL A 696 16.99 -9.24 -8.59
CA VAL A 696 15.71 -9.64 -9.17
C VAL A 696 15.55 -11.13 -8.87
N ILE A 697 14.60 -11.46 -8.01
CA ILE A 697 14.38 -12.84 -7.58
C ILE A 697 12.91 -13.18 -7.76
N SER A 698 12.63 -14.45 -7.99
CA SER A 698 11.27 -14.95 -8.16
C SER A 698 10.79 -15.61 -6.88
N GLY A 699 9.46 -15.70 -6.75
CA GLY A 699 8.86 -16.21 -5.53
C GLY A 699 9.24 -17.65 -5.25
N ASP A 700 9.39 -18.47 -6.29
CA ASP A 700 9.74 -19.87 -6.10
C ASP A 700 11.15 -20.01 -5.51
N SER A 701 12.11 -19.24 -6.02
CA SER A 701 13.46 -19.27 -5.46
C SER A 701 13.53 -18.56 -4.12
N LEU A 702 12.74 -17.49 -3.97
CA LEU A 702 12.66 -16.79 -2.70
C LEU A 702 12.16 -17.71 -1.59
N GLU A 703 11.25 -18.61 -1.94
CA GLU A 703 10.75 -19.57 -0.95
C GLU A 703 11.87 -20.44 -0.40
N VAL A 704 12.70 -20.98 -1.29
CA VAL A 704 13.82 -21.81 -0.87
C VAL A 704 14.82 -21.00 -0.06
N CYS A 705 15.12 -19.78 -0.52
CA CYS A 705 16.09 -18.94 0.19
C CYS A 705 15.62 -18.62 1.60
N LEU A 706 14.34 -18.24 1.76
CA LEU A 706 13.81 -17.94 3.08
C LEU A 706 13.63 -19.18 3.93
N LYS A 707 13.49 -20.36 3.30
CA LYS A 707 13.38 -21.58 4.07
C LYS A 707 14.73 -22.00 4.65
N TYR A 708 15.80 -21.88 3.88
CA TYR A 708 17.09 -22.38 4.31
C TYR A 708 18.07 -21.30 4.76
N TYR A 709 18.04 -20.12 4.15
CA TYR A 709 19.07 -19.10 4.37
C TYR A 709 18.43 -17.73 4.58
N GLU A 710 17.45 -17.67 5.49
CA GLU A 710 16.73 -16.42 5.72
C GLU A 710 17.66 -15.31 6.17
N TYR A 711 18.57 -15.60 7.10
CA TYR A 711 19.48 -14.57 7.60
C TYR A 711 20.42 -14.09 6.51
N GLU A 712 21.03 -15.02 5.77
CA GLU A 712 21.96 -14.65 4.71
C GLU A 712 21.28 -13.91 3.58
N PHE A 713 20.10 -14.37 3.16
CA PHE A 713 19.37 -13.67 2.12
C PHE A 713 18.97 -12.27 2.57
N MET A 714 18.51 -12.13 3.80
CA MET A 714 18.12 -10.81 4.29
C MET A 714 19.32 -9.87 4.36
N GLU A 715 20.46 -10.36 4.83
CA GLU A 715 21.64 -9.51 4.93
C GLU A 715 22.18 -9.14 3.55
N LEU A 716 22.04 -10.01 2.56
CA LEU A 716 22.46 -9.66 1.21
C LEU A 716 21.46 -8.73 0.52
N ALA A 717 20.17 -8.90 0.78
CA ALA A 717 19.16 -8.07 0.14
C ALA A 717 19.09 -6.67 0.73
N CYS A 718 19.40 -6.52 2.01
CA CYS A 718 19.35 -5.20 2.63
C CYS A 718 20.51 -4.32 2.25
N GLN A 719 21.56 -4.87 1.64
CA GLN A 719 22.67 -4.07 1.13
C GLN A 719 22.60 -3.85 -0.37
N CYS A 720 21.55 -4.33 -1.04
CA CYS A 720 21.37 -4.03 -2.45
C CYS A 720 20.89 -2.59 -2.64
N PRO A 721 21.23 -1.97 -3.77
CA PRO A 721 20.58 -0.70 -4.12
C PRO A 721 19.07 -0.82 -4.30
N ALA A 722 18.60 -1.96 -4.81
CA ALA A 722 17.16 -2.19 -4.98
C ALA A 722 16.91 -3.68 -5.12
N VAL A 723 15.72 -4.10 -4.70
CA VAL A 723 15.32 -5.50 -4.75
C VAL A 723 13.98 -5.57 -5.47
N VAL A 724 13.85 -6.52 -6.40
CA VAL A 724 12.60 -6.79 -7.08
C VAL A 724 12.25 -8.25 -6.83
N CYS A 725 11.07 -8.49 -6.25
CA CYS A 725 10.55 -9.83 -6.06
C CYS A 725 9.33 -9.99 -6.95
N CYS A 726 9.43 -10.84 -7.97
CA CYS A 726 8.36 -11.08 -8.91
C CYS A 726 7.72 -12.44 -8.64
N ARG A 727 6.49 -12.59 -9.14
CA ARG A 727 5.67 -13.77 -8.88
C ARG A 727 5.57 -14.06 -7.39
N CYS A 728 5.42 -12.98 -6.62
CA CYS A 728 5.37 -13.05 -5.17
C CYS A 728 3.92 -13.22 -4.72
N ALA A 729 3.66 -14.27 -3.94
CA ALA A 729 2.34 -14.49 -3.39
C ALA A 729 2.06 -13.48 -2.27
N PRO A 730 0.78 -13.26 -1.93
CA PRO A 730 0.48 -12.33 -0.83
C PRO A 730 1.15 -12.70 0.48
N THR A 731 1.19 -14.00 0.79
CA THR A 731 1.86 -14.46 2.00
C THR A 731 3.35 -14.17 1.94
N GLN A 732 3.96 -14.29 0.76
CA GLN A 732 5.38 -13.99 0.61
C GLN A 732 5.65 -12.50 0.80
N LYS A 733 4.76 -11.64 0.30
CA LYS A 733 4.92 -10.21 0.54
C LYS A 733 4.85 -9.88 2.02
N ALA A 734 3.87 -10.47 2.72
CA ALA A 734 3.77 -10.25 4.16
C ALA A 734 5.00 -10.79 4.88
N GLN A 735 5.52 -11.94 4.43
CA GLN A 735 6.71 -12.52 5.04
C GLN A 735 7.93 -11.63 4.84
N ILE A 736 8.08 -11.04 3.65
CA ILE A 736 9.19 -10.12 3.40
C ILE A 736 9.09 -8.91 4.32
N VAL A 737 7.89 -8.36 4.48
CA VAL A 737 7.70 -7.21 5.36
C VAL A 737 8.07 -7.59 6.80
N ARG A 738 7.58 -8.73 7.26
CA ARG A 738 7.86 -9.18 8.62
C ARG A 738 9.35 -9.44 8.83
N LEU A 739 10.01 -10.03 7.84
CA LEU A 739 11.43 -10.31 7.95
C LEU A 739 12.26 -9.03 7.97
N LEU A 740 11.87 -8.04 7.16
CA LEU A 740 12.56 -6.75 7.22
C LEU A 740 12.41 -6.13 8.60
N GLN A 741 11.20 -6.16 9.15
CA GLN A 741 10.98 -5.60 10.49
C GLN A 741 11.83 -6.33 11.53
N GLU A 742 11.89 -7.66 11.45
CA GLU A 742 12.61 -8.43 12.46
C GLU A 742 14.11 -8.25 12.35
N ARG A 743 14.66 -8.34 11.14
CA ARG A 743 16.09 -8.36 10.95
C ARG A 743 16.72 -6.98 10.84
N THR A 744 15.92 -5.91 10.69
CA THR A 744 16.48 -4.57 10.67
C THR A 744 16.13 -3.75 11.89
N GLY A 745 15.01 -4.03 12.55
CA GLY A 745 14.56 -3.21 13.64
C GLY A 745 14.00 -1.87 13.24
N LYS A 746 13.76 -1.66 11.95
CA LYS A 746 13.33 -0.38 11.40
C LYS A 746 11.91 -0.48 10.87
N LEU A 747 11.37 0.68 10.50
CA LEU A 747 9.98 0.76 10.07
C LEU A 747 9.86 0.47 8.58
N THR A 748 8.75 -0.16 8.22
CA THR A 748 8.44 -0.51 6.84
C THR A 748 7.12 0.12 6.44
N CYS A 749 7.05 0.58 5.19
CA CYS A 749 5.81 1.05 4.60
C CYS A 749 5.51 0.20 3.38
N ALA A 750 4.32 -0.40 3.36
CA ALA A 750 3.88 -1.20 2.23
C ALA A 750 2.83 -0.42 1.46
N VAL A 751 3.02 -0.32 0.14
CA VAL A 751 2.11 0.39 -0.75
C VAL A 751 1.59 -0.59 -1.78
N GLY A 752 0.27 -0.60 -1.98
CA GLY A 752 -0.33 -1.50 -2.94
C GLY A 752 -1.74 -1.06 -3.28
N ASP A 753 -2.27 -1.67 -4.34
CA ASP A 753 -3.60 -1.33 -4.83
C ASP A 753 -4.58 -2.49 -4.89
N GLY A 754 -4.11 -3.74 -4.84
CA GLY A 754 -4.96 -4.89 -5.01
C GLY A 754 -5.12 -5.71 -3.73
N GLY A 755 -5.97 -6.73 -3.85
CA GLY A 755 -6.20 -7.64 -2.75
C GLY A 755 -4.99 -8.47 -2.35
N ASN A 756 -4.06 -8.67 -3.28
CA ASN A 756 -2.83 -9.38 -2.97
C ASN A 756 -1.84 -8.54 -2.18
N ASP A 757 -2.13 -7.25 -1.98
CA ASP A 757 -1.29 -6.37 -1.19
C ASP A 757 -1.82 -6.18 0.24
N VAL A 758 -2.99 -6.72 0.55
CA VAL A 758 -3.62 -6.47 1.85
C VAL A 758 -2.79 -7.05 2.98
N SER A 759 -2.24 -8.25 2.80
CA SER A 759 -1.52 -8.91 3.87
C SER A 759 -0.26 -8.13 4.26
N MET A 760 0.49 -7.64 3.27
CA MET A 760 1.70 -6.90 3.60
C MET A 760 1.38 -5.49 4.07
N ILE A 761 0.25 -4.92 3.63
CA ILE A 761 -0.19 -3.63 4.15
C ILE A 761 -0.54 -3.76 5.63
N GLN A 762 -1.24 -4.82 6.00
CA GLN A 762 -1.54 -5.06 7.41
C GLN A 762 -0.28 -5.40 8.20
N GLU A 763 0.69 -6.08 7.58
CA GLU A 763 1.90 -6.46 8.29
C GLU A 763 2.82 -5.28 8.54
N SER A 764 2.77 -4.26 7.69
CA SER A 764 3.71 -3.16 7.77
C SER A 764 3.42 -2.24 8.95
N ASP A 765 4.44 -1.50 9.36
CA ASP A 765 4.27 -0.49 10.40
C ASP A 765 3.41 0.66 9.91
N CYS A 766 3.36 0.89 8.61
CA CYS A 766 2.56 1.97 8.02
C CYS A 766 2.02 1.47 6.69
N GLY A 767 0.75 1.09 6.67
CA GLY A 767 0.15 0.62 5.44
C GLY A 767 -0.48 1.72 4.63
N VAL A 768 -0.07 1.85 3.37
CA VAL A 768 -0.63 2.84 2.45
C VAL A 768 -1.28 2.08 1.30
N GLY A 769 -2.58 2.30 1.12
CA GLY A 769 -3.30 1.64 0.06
C GLY A 769 -3.68 2.59 -1.04
N VAL A 770 -3.29 2.27 -2.26
CA VAL A 770 -3.67 3.05 -3.43
C VAL A 770 -5.03 2.57 -3.90
N GLU A 771 -5.89 3.52 -4.25
CA GLU A 771 -7.22 3.18 -4.75
C GLU A 771 -7.09 2.60 -6.15
N GLY A 772 -7.42 1.33 -6.29
CA GLY A 772 -7.31 0.68 -7.58
C GLY A 772 -8.45 1.04 -8.51
N LYS A 773 -8.20 0.86 -9.80
CA LYS A 773 -9.22 1.12 -10.80
C LYS A 773 -10.40 0.17 -10.66
N GLU A 774 -10.13 -1.11 -10.41
CA GLU A 774 -11.17 -2.13 -10.38
C GLU A 774 -11.22 -2.85 -9.05
N GLY A 775 -10.63 -2.28 -8.00
CA GLY A 775 -10.71 -2.87 -6.68
C GLY A 775 -10.44 -1.83 -5.62
N LYS A 776 -10.92 -2.11 -4.41
CA LYS A 776 -10.79 -1.18 -3.29
C LYS A 776 -10.30 -1.84 -2.01
N GLN A 777 -9.95 -3.12 -2.05
CA GLN A 777 -9.63 -3.83 -0.81
C GLN A 777 -8.38 -3.27 -0.14
N ALA A 778 -7.34 -2.99 -0.93
CA ALA A 778 -6.10 -2.46 -0.35
C ALA A 778 -6.32 -1.10 0.29
N SER A 779 -7.11 -0.24 -0.35
CA SER A 779 -7.41 1.07 0.22
C SER A 779 -8.26 0.95 1.48
N LEU A 780 -9.20 -0.01 1.50
CA LEU A 780 -10.06 -0.17 2.67
C LEU A 780 -9.32 -0.78 3.85
N ALA A 781 -8.28 -1.58 3.58
CA ALA A 781 -7.56 -2.24 4.66
C ALA A 781 -6.36 -1.46 5.18
N ALA A 782 -6.03 -0.33 4.57
CA ALA A 782 -4.77 0.34 4.87
C ALA A 782 -4.94 1.41 5.94
N ASP A 783 -3.82 1.75 6.59
CA ASP A 783 -3.81 2.84 7.56
C ASP A 783 -4.07 4.18 6.89
N PHE A 784 -3.48 4.39 5.71
CA PHE A 784 -3.67 5.59 4.92
C PHE A 784 -4.03 5.19 3.50
N SER A 785 -4.95 5.93 2.90
CA SER A 785 -5.38 5.65 1.54
C SER A 785 -5.12 6.88 0.67
N ILE A 786 -4.47 6.67 -0.46
CA ILE A 786 -4.20 7.73 -1.43
C ILE A 786 -4.75 7.31 -2.78
N THR A 787 -4.99 8.30 -3.63
CA THR A 787 -5.45 8.04 -4.98
C THR A 787 -4.32 7.87 -5.98
N GLN A 788 -3.15 8.44 -5.71
CA GLN A 788 -2.04 8.40 -6.65
C GLN A 788 -0.75 8.09 -5.92
N PHE A 789 0.14 7.34 -6.59
CA PHE A 789 1.42 6.99 -5.98
C PHE A 789 2.27 8.22 -5.72
N LYS A 790 2.11 9.28 -6.52
CA LYS A 790 2.92 10.47 -6.33
C LYS A 790 2.59 11.21 -5.03
N HIS A 791 1.39 11.00 -4.48
CA HIS A 791 1.04 11.61 -3.21
C HIS A 791 1.90 11.09 -2.06
N LEU A 792 2.56 9.94 -2.26
CA LEU A 792 3.40 9.34 -1.23
C LEU A 792 4.53 10.27 -0.84
N GLY A 793 5.14 10.95 -1.82
CA GLY A 793 6.26 11.81 -1.52
C GLY A 793 5.90 12.92 -0.56
N ARG A 794 4.80 13.62 -0.83
CA ARG A 794 4.37 14.68 0.07
C ARG A 794 3.88 14.11 1.40
N LEU A 795 3.12 13.00 1.36
CA LEU A 795 2.63 12.40 2.60
C LEU A 795 3.76 12.01 3.54
N LEU A 796 4.92 11.62 3.01
CA LEU A 796 6.06 11.28 3.86
C LEU A 796 6.88 12.51 4.23
N MET A 797 7.29 13.32 3.25
CA MET A 797 8.22 14.40 3.51
C MET A 797 7.60 15.57 4.25
N VAL A 798 6.30 15.80 4.12
CA VAL A 798 5.69 16.96 4.75
C VAL A 798 4.90 16.50 5.96
N HIS A 799 3.86 15.70 5.74
CA HIS A 799 2.92 15.40 6.82
C HIS A 799 3.51 14.45 7.84
N GLY A 800 4.20 13.40 7.39
CA GLY A 800 4.82 12.48 8.33
C GLY A 800 5.93 13.15 9.14
N ARG A 801 6.78 13.92 8.47
CA ARG A 801 7.85 14.62 9.15
C ARG A 801 7.31 15.63 10.16
N ASN A 802 6.29 16.40 9.76
CA ASN A 802 5.69 17.37 10.68
C ASN A 802 5.03 16.67 11.86
N SER A 803 4.32 15.57 11.60
CA SER A 803 3.67 14.84 12.69
C SER A 803 4.70 14.34 13.69
N TYR A 804 5.78 13.74 13.20
CA TYR A 804 6.81 13.22 14.09
C TYR A 804 7.45 14.33 14.91
N LYS A 805 7.86 15.42 14.25
CA LYS A 805 8.55 16.50 14.96
C LYS A 805 7.62 17.21 15.94
N ARG A 806 6.37 17.45 15.55
CA ARG A 806 5.43 18.11 16.43
C ARG A 806 5.09 17.25 17.63
N SER A 807 4.91 15.94 17.43
CA SER A 807 4.69 15.05 18.56
C SER A 807 5.88 15.04 19.50
N ALA A 808 7.09 15.03 18.95
CA ALA A 808 8.27 15.07 19.80
C ALA A 808 8.31 16.34 20.65
N ALA A 809 8.14 17.51 20.02
CA ALA A 809 8.19 18.76 20.77
C ALA A 809 7.06 18.83 21.80
N LEU A 810 5.86 18.41 21.40
CA LEU A 810 4.71 18.33 22.30
C LEU A 810 5.02 17.52 23.54
N SER A 811 5.50 16.29 23.35
CA SER A 811 5.71 15.38 24.48
C SER A 811 6.83 15.90 25.38
N GLN A 812 7.91 16.42 24.80
CA GLN A 812 8.98 16.94 25.63
C GLN A 812 8.51 18.16 26.44
N PHE A 813 7.70 19.02 25.84
CA PHE A 813 7.19 20.18 26.59
C PHE A 813 6.31 19.74 27.75
N VAL A 814 5.42 18.78 27.51
CA VAL A 814 4.53 18.31 28.57
C VAL A 814 5.33 17.68 29.70
N ILE A 815 6.32 16.84 29.35
CA ILE A 815 7.13 16.20 30.38
C ILE A 815 7.92 17.24 31.16
N HIS A 816 8.46 18.24 30.48
CA HIS A 816 9.25 19.27 31.15
C HIS A 816 8.38 20.05 32.14
N ARG A 817 7.17 20.41 31.74
CA ARG A 817 6.27 21.11 32.64
C ARG A 817 5.91 20.26 33.86
N SER A 818 5.62 18.98 33.64
CA SER A 818 5.28 18.10 34.74
C SER A 818 6.44 17.95 35.71
N LEU A 819 7.67 17.81 35.19
CA LEU A 819 8.82 17.67 36.07
C LEU A 819 9.19 18.96 36.77
N CYS A 820 8.94 20.12 36.17
CA CYS A 820 9.11 21.37 36.89
C CYS A 820 8.14 21.46 38.06
N ILE A 821 6.88 21.07 37.83
CA ILE A 821 5.92 21.02 38.93
C ILE A 821 6.36 20.03 39.99
N SER A 822 6.92 18.89 39.58
CA SER A 822 7.37 17.89 40.55
C SER A 822 8.52 18.42 41.41
N THR A 823 9.48 19.11 40.80
CA THR A 823 10.58 19.68 41.57
C THR A 823 10.07 20.76 42.53
N MET A 824 9.15 21.60 42.07
CA MET A 824 8.56 22.58 42.95
C MET A 824 7.83 21.95 44.13
N GLN A 825 7.10 20.86 43.91
CA GLN A 825 6.48 20.12 44.99
C GLN A 825 7.50 19.49 45.93
N ALA A 826 8.62 19.00 45.40
CA ALA A 826 9.66 18.45 46.26
C ALA A 826 10.23 19.51 47.19
N VAL A 827 10.51 20.70 46.65
CA VAL A 827 11.00 21.78 47.49
C VAL A 827 9.94 22.21 48.50
N PHE A 828 8.68 22.26 48.06
CA PHE A 828 7.58 22.61 48.95
C PHE A 828 7.49 21.65 50.13
N SER A 829 7.59 20.35 49.87
CA SER A 829 7.55 19.36 50.94
C SER A 829 8.77 19.48 51.84
N SER A 830 9.94 19.71 51.25
CA SER A 830 11.16 19.85 52.05
C SER A 830 11.06 21.03 53.01
N VAL A 831 10.43 22.13 52.57
CA VAL A 831 10.28 23.29 53.44
C VAL A 831 9.38 23.01 54.63
N PHE A 832 8.44 22.07 54.50
CA PHE A 832 7.40 21.85 55.51
C PHE A 832 7.54 20.44 56.10
N TYR A 833 8.77 20.11 56.49
CA TYR A 833 9.07 18.89 57.25
C TYR A 833 8.78 17.62 56.45
N PHE A 834 8.99 17.69 55.14
CA PHE A 834 8.93 16.51 54.26
C PHE A 834 7.58 15.80 54.35
N ALA A 835 6.51 16.58 54.50
CA ALA A 835 5.17 16.04 54.59
C ALA A 835 4.56 15.91 53.19
N SER A 836 3.65 14.95 53.05
CA SER A 836 3.01 14.69 51.78
C SER A 836 1.85 15.66 51.55
N VAL A 837 2.11 16.95 51.71
CA VAL A 837 1.09 17.98 51.52
C VAL A 837 1.18 18.47 50.08
N PRO A 838 0.09 18.44 49.31
CA PRO A 838 0.18 18.83 47.90
C PRO A 838 0.47 20.32 47.74
N LEU A 839 1.36 20.62 46.79
CA LEU A 839 1.56 22.01 46.40
C LEU A 839 0.38 22.54 45.61
N TYR A 840 -0.10 21.75 44.64
CA TYR A 840 -1.24 22.11 43.81
C TYR A 840 -2.35 21.10 44.02
N GLN A 841 -3.58 21.59 44.17
CA GLN A 841 -4.73 20.73 44.36
C GLN A 841 -5.96 21.42 43.80
N GLY A 842 -6.99 20.63 43.56
CA GLY A 842 -8.25 21.20 43.11
C GLY A 842 -8.21 21.53 41.64
N PHE A 843 -8.63 22.74 41.29
CA PHE A 843 -8.75 23.10 39.88
C PHE A 843 -7.41 23.30 39.21
N LEU A 844 -6.35 23.57 39.98
CA LEU A 844 -5.03 23.72 39.36
C LEU A 844 -4.56 22.42 38.72
N ILE A 845 -4.77 21.30 39.40
CA ILE A 845 -4.36 20.00 38.85
C ILE A 845 -5.18 19.67 37.60
N ILE A 846 -6.50 19.89 37.66
CA ILE A 846 -7.35 19.62 36.51
C ILE A 846 -6.95 20.50 35.33
N GLY A 847 -6.70 21.78 35.58
CA GLY A 847 -6.34 22.68 34.50
C GLY A 847 -5.01 22.33 33.88
N TYR A 848 -4.00 22.04 34.71
CA TYR A 848 -2.68 21.71 34.17
C TYR A 848 -2.70 20.37 33.47
N SER A 849 -3.57 19.46 33.90
CA SER A 849 -3.72 18.20 33.18
C SER A 849 -4.37 18.41 31.83
N THR A 850 -5.48 19.15 31.78
CA THR A 850 -6.18 19.30 30.51
C THR A 850 -5.97 20.64 29.83
N ILE A 851 -6.47 21.73 30.43
CA ILE A 851 -6.75 22.92 29.63
C ILE A 851 -5.58 23.88 29.60
N TYR A 852 -4.82 23.97 30.70
CA TYR A 852 -3.66 24.85 30.73
C TYR A 852 -2.60 24.37 29.73
N THR A 853 -2.59 23.07 29.47
CA THR A 853 -1.56 22.47 28.64
C THR A 853 -1.93 22.47 27.16
N MET A 854 -3.22 22.44 26.83
CA MET A 854 -3.62 22.28 25.43
C MET A 854 -3.34 23.52 24.59
N PHE A 855 -3.38 24.71 25.18
CA PHE A 855 -3.15 25.92 24.40
C PHE A 855 -1.69 26.08 23.94
N PRO A 856 -0.71 26.10 24.85
CA PRO A 856 0.67 26.28 24.38
C PRO A 856 1.20 25.13 23.56
N VAL A 857 0.62 23.94 23.69
CA VAL A 857 1.05 22.82 22.86
C VAL A 857 0.23 22.68 21.58
N PHE A 858 -0.96 23.26 21.51
CA PHE A 858 -1.59 23.48 20.22
C PHE A 858 -0.78 24.46 19.39
N SER A 859 -0.25 25.49 20.05
CA SER A 859 0.74 26.35 19.41
C SER A 859 1.90 25.53 18.85
N LEU A 860 2.30 24.47 19.55
CA LEU A 860 3.39 23.62 19.07
C LEU A 860 2.98 22.72 17.93
N VAL A 861 1.76 22.16 17.96
CA VAL A 861 1.29 21.32 16.86
C VAL A 861 0.99 22.13 15.62
N LEU A 862 0.99 23.46 15.72
CA LEU A 862 0.93 24.29 14.52
C LEU A 862 2.29 24.62 13.91
N ASP A 863 3.40 24.22 14.54
CA ASP A 863 4.71 24.72 14.16
C ASP A 863 5.35 23.89 13.05
N LYS A 864 6.14 24.56 12.20
CA LYS A 864 6.92 23.94 11.15
C LYS A 864 8.36 24.43 11.24
N ASP A 865 9.32 23.54 11.05
CA ASP A 865 10.71 23.97 10.97
C ASP A 865 11.03 24.59 9.61
N VAL A 866 10.49 24.04 8.53
CA VAL A 866 10.68 24.55 7.19
C VAL A 866 9.34 24.50 6.45
N LYS A 867 9.28 25.22 5.34
CA LYS A 867 8.10 25.19 4.49
C LYS A 867 7.99 23.85 3.78
N SER A 868 6.78 23.54 3.31
CA SER A 868 6.54 22.28 2.63
C SER A 868 7.35 22.18 1.33
N GLU A 869 7.46 23.28 0.60
CA GLU A 869 8.25 23.28 -0.63
C GLU A 869 9.71 22.96 -0.35
N VAL A 870 10.26 23.51 0.73
CA VAL A 870 11.63 23.21 1.10
C VAL A 870 11.78 21.75 1.48
N ALA A 871 10.81 21.21 2.23
CA ALA A 871 10.88 19.81 2.62
C ALA A 871 10.82 18.89 1.41
N MET A 872 9.99 19.23 0.42
CA MET A 872 9.93 18.45 -0.81
C MET A 872 11.21 18.57 -1.62
N LEU A 873 11.80 19.76 -1.66
CA LEU A 873 12.97 20.00 -2.51
C LEU A 873 14.22 19.36 -1.94
N TYR A 874 14.31 19.23 -0.61
CA TYR A 874 15.50 18.71 0.05
C TYR A 874 15.11 17.49 0.86
N PRO A 875 15.08 16.30 0.24
CA PRO A 875 14.72 15.09 0.98
C PRO A 875 15.72 14.70 2.06
N GLU A 876 16.92 15.27 2.05
CA GLU A 876 17.91 14.93 3.07
C GLU A 876 17.50 15.37 4.46
N LEU A 877 16.48 16.24 4.59
CA LEU A 877 15.93 16.54 5.90
C LEU A 877 15.26 15.32 6.52
N TYR A 878 14.81 14.38 5.70
CA TYR A 878 14.15 13.17 6.20
C TYR A 878 15.16 12.23 6.85
N LYS A 879 16.37 12.14 6.30
CA LYS A 879 17.37 11.23 6.84
C LYS A 879 17.80 11.63 8.25
N ASP A 880 17.71 12.92 8.58
CA ASP A 880 17.95 13.34 9.94
C ASP A 880 16.92 12.74 10.89
N LEU A 881 15.65 12.75 10.52
CA LEU A 881 14.64 12.10 11.33
C LEU A 881 14.84 10.60 11.39
N LEU A 882 15.34 10.01 10.31
CA LEU A 882 15.59 8.56 10.31
C LEU A 882 16.61 8.15 11.37
N LYS A 883 17.41 9.09 11.86
CA LYS A 883 18.37 8.81 12.91
C LYS A 883 17.76 8.87 14.31
N GLY A 884 16.47 9.20 14.42
CA GLY A 884 15.84 9.34 15.72
C GLY A 884 16.10 10.65 16.41
N ARG A 885 16.51 11.68 15.67
CA ARG A 885 16.89 12.95 16.28
C ARG A 885 15.77 13.67 17.05
N PRO A 886 14.52 13.75 16.55
CA PRO A 886 13.53 14.58 17.26
C PRO A 886 13.32 14.21 18.72
N LEU A 887 13.32 12.93 19.05
CA LEU A 887 13.20 12.50 20.43
C LEU A 887 14.21 11.39 20.69
N SER A 888 14.96 11.54 21.77
CA SER A 888 15.99 10.58 22.15
C SER A 888 16.23 10.72 23.64
N TYR A 889 17.10 9.87 24.18
CA TYR A 889 17.46 9.99 25.57
C TYR A 889 18.28 11.25 25.84
N LYS A 890 19.01 11.72 24.82
CA LYS A 890 19.76 12.96 24.95
C LYS A 890 18.82 14.13 25.27
N THR A 891 17.90 14.42 24.35
CA THR A 891 16.98 15.54 24.51
C THR A 891 16.13 15.38 25.76
N PHE A 892 15.74 14.14 26.07
CA PHE A 892 14.99 13.88 27.29
C PHE A 892 15.79 14.27 28.52
N LEU A 893 17.08 13.93 28.55
CA LEU A 893 17.92 14.28 29.69
C LEU A 893 18.13 15.79 29.81
N ILE A 894 18.36 16.47 28.68
CA ILE A 894 18.52 17.92 28.76
C ILE A 894 17.25 18.56 29.28
N TRP A 895 16.09 18.08 28.83
CA TRP A 895 14.84 18.68 29.29
C TRP A 895 14.57 18.35 30.75
N VAL A 896 14.99 17.17 31.22
CA VAL A 896 14.86 16.84 32.64
C VAL A 896 15.69 17.79 33.48
N LEU A 897 16.94 18.03 33.06
CA LEU A 897 17.80 18.96 33.79
C LEU A 897 17.23 20.37 33.78
N ILE A 898 16.69 20.81 32.64
CA ILE A 898 16.11 22.14 32.55
C ILE A 898 14.90 22.26 33.48
N SER A 899 14.04 21.23 33.51
CA SER A 899 12.88 21.27 34.39
C SER A 899 13.28 21.32 35.85
N ILE A 900 14.29 20.54 36.25
CA ILE A 900 14.76 20.58 37.62
C ILE A 900 15.32 21.97 37.95
N TYR A 901 16.11 22.53 37.04
CA TYR A 901 16.67 23.86 37.27
C TYR A 901 15.57 24.90 37.42
N GLN A 902 14.54 24.84 36.57
CA GLN A 902 13.50 25.85 36.61
C GLN A 902 12.65 25.73 37.87
N GLY A 903 12.29 24.50 38.26
CA GLY A 903 11.55 24.33 39.51
C GLY A 903 12.35 24.79 40.71
N SER A 904 13.63 24.43 40.77
CA SER A 904 14.48 24.88 41.87
C SER A 904 14.61 26.40 41.89
N THR A 905 14.80 27.01 40.71
CA THR A 905 14.95 28.45 40.64
C THR A 905 13.68 29.15 41.12
N ILE A 906 12.52 28.69 40.65
CA ILE A 906 11.27 29.32 41.04
C ILE A 906 11.07 29.22 42.55
N MET A 907 11.20 28.01 43.10
CA MET A 907 10.94 27.83 44.53
C MET A 907 11.94 28.59 45.39
N TYR A 908 13.23 28.49 45.07
CA TYR A 908 14.22 29.11 45.94
C TYR A 908 14.27 30.63 45.76
N GLY A 909 13.99 31.13 44.55
CA GLY A 909 13.84 32.56 44.39
C GLY A 909 12.64 33.11 45.13
N ALA A 910 11.55 32.34 45.17
CA ALA A 910 10.43 32.73 45.99
C ALA A 910 10.81 32.76 47.47
N LEU A 911 11.62 31.78 47.90
CA LEU A 911 12.09 31.76 49.28
C LEU A 911 12.94 32.99 49.60
N LEU A 912 13.87 33.34 48.71
CA LEU A 912 14.81 34.43 48.99
C LEU A 912 14.16 35.80 48.85
N LEU A 913 13.35 36.01 47.82
CA LEU A 913 12.88 37.35 47.51
C LEU A 913 11.65 37.76 48.30
N PHE A 914 10.71 36.84 48.53
CA PHE A 914 9.49 37.16 49.25
C PHE A 914 9.74 37.02 50.75
N GLU A 915 9.48 38.10 51.49
CA GLU A 915 9.77 38.12 52.92
C GLU A 915 8.98 37.05 53.66
N SER A 916 7.68 36.96 53.36
CA SER A 916 6.90 35.82 53.82
C SER A 916 7.36 34.59 53.05
N GLU A 917 7.74 33.54 53.78
CA GLU A 917 8.41 32.41 53.16
C GLU A 917 7.56 31.72 52.11
N PHE A 918 6.46 31.08 52.54
CA PHE A 918 5.72 30.20 51.64
C PHE A 918 4.21 30.34 51.77
N VAL A 919 3.69 31.39 52.40
CA VAL A 919 2.25 31.51 52.58
C VAL A 919 1.55 31.71 51.24
N HIS A 920 2.15 32.50 50.36
CA HIS A 920 1.61 32.76 49.04
C HIS A 920 2.34 31.97 47.95
N ILE A 921 2.98 30.86 48.32
CA ILE A 921 3.84 30.13 47.38
C ILE A 921 3.03 29.60 46.20
N VAL A 922 1.77 29.21 46.42
CA VAL A 922 0.96 28.70 45.33
C VAL A 922 0.75 29.80 44.28
N ALA A 923 0.39 30.99 44.72
CA ALA A 923 0.19 32.11 43.79
C ALA A 923 1.49 32.49 43.11
N ILE A 924 2.59 32.56 43.86
CA ILE A 924 3.87 32.95 43.28
C ILE A 924 4.30 31.95 42.20
N SER A 925 4.20 30.66 42.52
CA SER A 925 4.62 29.63 41.58
C SER A 925 3.69 29.58 40.37
N PHE A 926 2.38 29.79 40.58
CA PHE A 926 1.46 29.80 39.45
C PHE A 926 1.78 30.94 38.49
N THR A 927 2.03 32.14 39.02
CA THR A 927 2.37 33.26 38.17
C THR A 927 3.71 33.03 37.45
N SER A 928 4.69 32.50 38.18
CA SER A 928 5.98 32.21 37.58
C SER A 928 5.84 31.19 36.46
N LEU A 929 5.04 30.15 36.66
CA LEU A 929 4.83 29.14 35.62
C LEU A 929 4.11 29.73 34.42
N ILE A 930 3.14 30.62 34.64
CA ILE A 930 2.43 31.23 33.52
C ILE A 930 3.40 32.04 32.67
N LEU A 931 4.17 32.92 33.29
CA LEU A 931 5.13 33.71 32.53
C LEU A 931 6.22 32.83 31.92
N THR A 932 6.61 31.77 32.61
CA THR A 932 7.63 30.86 32.11
C THR A 932 7.15 30.12 30.88
N GLU A 933 5.89 29.69 30.85
CA GLU A 933 5.39 29.00 29.66
C GLU A 933 5.18 29.98 28.52
N LEU A 934 4.82 31.23 28.81
CA LEU A 934 4.80 32.23 27.73
C LEU A 934 6.18 32.40 27.12
N LEU A 935 7.22 32.47 27.96
CA LEU A 935 8.59 32.55 27.45
C LEU A 935 9.02 31.28 26.73
N MET A 936 8.52 30.12 27.18
CA MET A 936 8.80 28.85 26.50
C MET A 936 8.28 28.88 25.08
N VAL A 937 7.00 29.22 24.92
CA VAL A 937 6.37 29.20 23.60
C VAL A 937 6.98 30.28 22.71
N ALA A 938 7.28 31.44 23.29
CA ALA A 938 7.91 32.49 22.49
C ALA A 938 9.27 32.10 21.96
N LEU A 939 10.00 31.22 22.66
CA LEU A 939 11.37 30.89 22.32
C LEU A 939 11.53 29.54 21.63
N THR A 940 10.53 28.68 21.68
CA THR A 940 10.62 27.37 21.04
C THR A 940 10.09 27.37 19.62
N ILE A 941 9.06 28.17 19.34
CA ILE A 941 8.43 28.18 18.02
C ILE A 941 9.41 28.75 17.00
N GLN A 942 9.51 28.07 15.86
CA GLN A 942 10.44 28.46 14.79
C GLN A 942 9.75 29.20 13.65
N THR A 943 8.54 28.80 13.28
CA THR A 943 7.76 29.48 12.24
C THR A 943 6.44 29.91 12.88
N TRP A 944 6.34 31.21 13.19
CA TRP A 944 5.17 31.70 13.90
C TRP A 944 3.93 31.64 13.02
N HIS A 945 2.80 31.33 13.63
CA HIS A 945 1.49 31.30 13.00
C HIS A 945 0.56 32.19 13.81
N TRP A 946 -0.38 32.85 13.12
CA TRP A 946 -1.27 33.76 13.83
C TRP A 946 -2.16 33.02 14.82
N LEU A 947 -2.53 31.77 14.50
CA LEU A 947 -3.28 30.95 15.43
C LEU A 947 -2.49 30.68 16.70
N MET A 948 -1.16 30.73 16.65
CA MET A 948 -0.37 30.65 17.87
C MET A 948 -0.62 31.85 18.78
N THR A 949 -0.67 33.05 18.19
CA THR A 949 -1.00 34.23 18.97
C THR A 949 -2.41 34.14 19.54
N VAL A 950 -3.36 33.64 18.74
CA VAL A 950 -4.73 33.47 19.22
C VAL A 950 -4.76 32.48 20.39
N ALA A 951 -4.07 31.35 20.25
CA ALA A 951 -4.07 30.33 21.30
C ALA A 951 -3.40 30.82 22.57
N GLU A 952 -2.31 31.58 22.44
CA GLU A 952 -1.65 32.10 23.63
C GLU A 952 -2.50 33.17 24.31
N LEU A 953 -3.22 33.98 23.52
CA LEU A 953 -4.16 34.93 24.11
C LEU A 953 -5.26 34.20 24.87
N LEU A 954 -5.79 33.12 24.29
CA LEU A 954 -6.80 32.32 24.99
C LEU A 954 -6.23 31.71 26.27
N SER A 955 -4.99 31.22 26.22
CA SER A 955 -4.36 30.67 27.41
C SER A 955 -4.20 31.72 28.50
N LEU A 956 -3.78 32.93 28.12
CA LEU A 956 -3.61 33.98 29.12
C LEU A 956 -4.97 34.39 29.70
N ALA A 957 -6.01 34.41 28.86
CA ALA A 957 -7.35 34.68 29.37
C ALA A 957 -7.79 33.62 30.36
N CYS A 958 -7.52 32.34 30.06
CA CYS A 958 -7.86 31.27 30.99
C CYS A 958 -7.09 31.40 32.29
N TYR A 959 -5.81 31.75 32.21
CA TYR A 959 -5.00 31.93 33.41
C TYR A 959 -5.54 33.08 34.27
N ILE A 960 -5.92 34.19 33.63
CA ILE A 960 -6.47 35.32 34.38
C ILE A 960 -7.80 34.95 35.02
N ALA A 961 -8.65 34.25 34.28
CA ALA A 961 -9.94 33.81 34.83
C ALA A 961 -9.73 32.89 36.02
N SER A 962 -8.76 31.98 35.94
CA SER A 962 -8.45 31.12 37.06
C SER A 962 -7.93 31.94 38.24
N LEU A 963 -7.08 32.92 37.98
CA LEU A 963 -6.52 33.75 39.06
C LEU A 963 -7.62 34.49 39.80
N VAL A 964 -8.58 35.07 39.06
CA VAL A 964 -9.62 35.85 39.70
C VAL A 964 -10.58 34.97 40.48
N PHE A 965 -10.99 33.83 39.90
CA PHE A 965 -12.07 33.03 40.45
C PHE A 965 -11.61 31.97 41.45
N LEU A 966 -10.31 31.74 41.60
CA LEU A 966 -9.81 30.72 42.53
C LEU A 966 -9.35 31.40 43.82
N HIS A 967 -10.33 31.72 44.68
CA HIS A 967 -10.03 32.34 45.95
C HIS A 967 -9.42 31.36 46.95
N GLU A 968 -9.46 30.06 46.68
CA GLU A 968 -9.02 29.07 47.65
C GLU A 968 -7.53 29.21 47.94
N PHE A 969 -6.71 29.40 46.91
CA PHE A 969 -5.27 29.47 47.07
C PHE A 969 -4.64 30.69 46.42
N ILE A 970 -5.42 31.52 45.74
CA ILE A 970 -4.90 32.71 45.06
C ILE A 970 -5.56 33.94 45.67
N ASP A 971 -4.74 34.90 46.09
CA ASP A 971 -5.20 36.19 46.59
C ASP A 971 -4.86 37.23 45.53
N VAL A 972 -5.88 37.71 44.82
CA VAL A 972 -5.65 38.63 43.71
C VAL A 972 -5.05 39.94 44.19
N TYR A 973 -5.43 40.40 45.39
CA TYR A 973 -4.91 41.66 45.89
C TYR A 973 -3.45 41.54 46.33
N PHE A 974 -2.96 40.32 46.57
CA PHE A 974 -1.54 40.13 46.74
C PHE A 974 -0.80 40.16 45.41
N ILE A 975 -1.42 39.62 44.36
CA ILE A 975 -0.80 39.62 43.03
C ILE A 975 -0.67 41.05 42.51
N ALA A 976 -1.72 41.85 42.65
CA ALA A 976 -1.73 43.22 42.11
C ALA A 976 -0.86 44.10 42.99
N THR A 977 0.45 44.05 42.72
CA THR A 977 1.42 44.80 43.51
C THR A 977 2.70 44.92 42.70
N LEU A 978 3.28 46.12 42.68
CA LEU A 978 4.52 46.32 41.94
C LEU A 978 5.66 45.48 42.51
N SER A 979 5.72 45.36 43.84
CA SER A 979 6.74 44.52 44.46
C SER A 979 6.61 43.08 43.98
N PHE A 980 5.40 42.53 44.03
CA PHE A 980 5.16 41.19 43.53
C PHE A 980 5.51 41.09 42.06
N LEU A 981 5.13 42.10 41.28
CA LEU A 981 5.38 42.07 39.84
C LEU A 981 6.86 41.96 39.54
N TRP A 982 7.68 42.84 40.14
CA TRP A 982 9.10 42.80 39.83
C TRP A 982 9.77 41.55 40.39
N LYS A 983 9.35 41.09 41.57
CA LYS A 983 9.93 39.87 42.12
C LYS A 983 9.66 38.67 41.21
N VAL A 984 8.41 38.53 40.77
CA VAL A 984 8.06 37.41 39.90
C VAL A 984 8.75 37.53 38.55
N SER A 985 8.89 38.76 38.05
CA SER A 985 9.60 38.96 36.78
C SER A 985 11.05 38.52 36.89
N VAL A 986 11.73 38.90 37.98
CA VAL A 986 13.12 38.49 38.16
C VAL A 986 13.22 36.97 38.29
N ILE A 987 12.30 36.36 39.04
CA ILE A 987 12.34 34.90 39.18
C ILE A 987 12.21 34.23 37.83
N THR A 988 11.25 34.68 37.01
CA THR A 988 11.04 34.08 35.70
C THR A 988 12.22 34.30 34.77
N LEU A 989 12.79 35.51 34.78
CA LEU A 989 13.94 35.79 33.92
C LEU A 989 15.13 34.92 34.29
N VAL A 990 15.37 34.73 35.59
CA VAL A 990 16.47 33.87 36.00
C VAL A 990 16.18 32.41 35.64
N SER A 991 14.93 31.99 35.80
CA SER A 991 14.58 30.59 35.54
C SER A 991 14.71 30.25 34.05
N CYS A 992 14.42 31.21 33.17
CA CYS A 992 14.38 30.94 31.75
C CYS A 992 15.75 31.07 31.07
N LEU A 993 16.85 31.00 31.82
CA LEU A 993 18.18 31.07 31.22
C LEU A 993 18.44 29.94 30.23
N PRO A 994 18.16 28.67 30.52
CA PRO A 994 18.39 27.62 29.52
C PRO A 994 17.56 27.82 28.26
N LEU A 995 16.41 28.48 28.36
CA LEU A 995 15.64 28.80 27.17
C LEU A 995 16.43 29.71 26.24
N TYR A 996 17.01 30.78 26.79
CA TYR A 996 17.81 31.67 25.96
C TYR A 996 19.05 30.98 25.42
N VAL A 997 19.67 30.11 26.22
CA VAL A 997 20.84 29.39 25.73
C VAL A 997 20.47 28.50 24.55
N LEU A 998 19.38 27.74 24.67
CA LEU A 998 18.94 26.88 23.59
C LEU A 998 18.53 27.69 22.37
N LYS A 999 17.84 28.80 22.57
CA LYS A 999 17.44 29.64 21.46
C LYS A 999 18.65 30.20 20.73
N TYR A 1000 19.67 30.63 21.47
CA TYR A 1000 20.87 31.14 20.84
C TYR A 1000 21.59 30.04 20.07
N LEU A 1001 21.68 28.84 20.64
CA LEU A 1001 22.36 27.75 19.94
C LEU A 1001 21.61 27.35 18.67
N ARG A 1002 20.27 27.41 18.70
CA ARG A 1002 19.49 27.11 17.50
C ARG A 1002 19.60 28.23 16.47
N ARG A 1003 19.65 29.48 16.94
CA ARG A 1003 19.70 30.62 16.01
C ARG A 1003 21.05 30.72 15.32
N ARG A 1004 22.14 30.52 16.07
CA ARG A 1004 23.48 30.70 15.55
C ARG A 1004 24.42 29.79 16.32
N PHE A 1005 25.67 29.71 15.84
CA PHE A 1005 26.77 29.03 16.52
C PHE A 1005 26.58 27.51 16.49
N SER A 1006 25.41 27.06 16.04
CA SER A 1006 25.12 25.66 15.75
C SER A 1006 23.86 25.61 14.89
N PRO A 1007 23.89 26.16 13.69
CA PRO A 1007 22.66 26.29 12.90
C PRO A 1007 22.13 24.93 12.47
N PRO A 1008 20.80 24.75 12.50
CA PRO A 1008 20.23 23.51 11.97
C PRO A 1008 20.43 23.39 10.47
N SER A 1009 20.52 22.15 10.01
CA SER A 1009 20.78 21.90 8.59
C SER A 1009 19.59 22.26 7.70
N TYR A 1010 18.38 22.30 8.26
CA TYR A 1010 17.21 22.56 7.43
C TYR A 1010 17.06 24.03 7.06
N SER A 1011 17.71 24.93 7.78
CA SER A 1011 17.49 26.35 7.54
C SER A 1011 18.34 26.89 6.41
N LYS A 1012 19.65 26.62 6.46
CA LYS A 1012 20.58 27.26 5.54
C LYS A 1012 20.63 26.62 4.16
N LEU A 1013 20.05 25.43 3.98
CA LEU A 1013 20.18 24.75 2.69
C LEU A 1013 19.43 25.45 1.57
N THR A 1014 18.39 26.23 1.89
CA THR A 1014 17.59 26.87 0.85
C THR A 1014 18.42 27.87 0.05
N SER A 1015 19.26 28.64 0.73
CA SER A 1015 20.08 29.64 0.06
C SER A 1015 21.31 30.00 0.90
MG MG B . -1.54 -4.60 -7.34
#